data_4G0L
#
_entry.id   4G0L
#
_cell.length_a   148.791
_cell.length_b   148.791
_cell.length_c   108.321
_cell.angle_alpha   90.00
_cell.angle_beta   90.00
_cell.angle_gamma   120.00
#
_symmetry.space_group_name_H-M   'P 31 2 1'
#
loop_
_entity.id
_entity.type
_entity.pdbx_description
1 polymer 'protein yqjG'
2 non-polymer GLUTATHIONE
3 non-polymer 'SULFATE ION'
4 non-polymer '2-(N-MORPHOLINO)-ETHANESULFONIC ACID'
5 water water
#
_entity_poly.entity_id   1
_entity_poly.type   'polypeptide(L)'
_entity_poly.pdbx_seq_one_letter_code
;MGQLIDGVWHDTWYDTKSTGGKFQRSASAFRNWLTADGAPGPTGTGGFIAEKDRYHLYVSLACPWAHRTLIMRKLKGLEP
FISVSVVNPLMLENGWTFDDSFPGATGDTLYQNEFLYQLYLHADPHYSGRVTVPVLWDKKNHTIVSNESAEIIRMFNTAF
DALGAKAGDYYPPALQTKIDELNGWIYDTVNNGVYKAGFATSQEAYDEAVAKVFESLARLEQILGQHRYLTGNQLTEADI
RLWTTLVRFDPVYVTHFKCDKHRISDYLNLYGFLRDIYQMPGIAETVNFDHIRNHYFRSHKTINPTGIISIGPWQDLDEP
HGRDVRFG
;
_entity_poly.pdbx_strand_id   A,B
#
loop_
_chem_comp.id
_chem_comp.type
_chem_comp.name
_chem_comp.formula
GSH non-polymer GLUTATHIONE 'C10 H17 N3 O6 S'
MES non-polymer '2-(N-MORPHOLINO)-ETHANESULFONIC ACID' 'C6 H13 N O4 S'
SO4 non-polymer 'SULFATE ION' 'O4 S -2'
#
# COMPACT_ATOMS: atom_id res chain seq x y z
N GLY A 2 15.58 17.51 -4.24
CA GLY A 2 16.19 18.82 -4.15
C GLY A 2 15.82 19.72 -5.30
N GLN A 3 16.55 20.83 -5.46
CA GLN A 3 16.31 21.75 -6.56
C GLN A 3 17.43 22.79 -6.68
N LEU A 4 17.84 23.05 -7.92
CA LEU A 4 18.82 24.08 -8.21
C LEU A 4 18.18 25.47 -8.09
N ILE A 5 18.83 26.36 -7.35
CA ILE A 5 18.44 27.78 -7.34
C ILE A 5 19.65 28.66 -7.65
N ASP A 6 19.48 29.52 -8.65
CA ASP A 6 20.55 30.37 -9.14
C ASP A 6 21.92 29.66 -9.14
N GLY A 7 21.96 28.46 -9.69
CA GLY A 7 23.21 27.72 -9.79
C GLY A 7 23.56 26.98 -8.51
N VAL A 8 22.77 27.19 -7.46
CA VAL A 8 23.04 26.52 -6.19
C VAL A 8 22.00 25.47 -5.84
N TRP A 9 22.47 24.26 -5.56
CA TRP A 9 21.63 23.14 -5.18
C TRP A 9 21.12 23.30 -3.76
N HIS A 10 19.86 22.92 -3.54
CA HIS A 10 19.28 22.97 -2.21
C HIS A 10 18.69 21.61 -1.81
N ASP A 11 19.19 21.08 -0.70
CA ASP A 11 19.02 19.68 -0.29
C ASP A 11 17.57 19.23 -0.14
N THR A 12 16.66 20.06 -0.62
CA THR A 12 15.21 19.81 -0.67
C THR A 12 14.50 20.96 0.03
N TRP A 13 15.29 21.87 0.60
CA TRP A 13 14.77 23.16 1.02
C TRP A 13 14.64 24.01 -0.25
N TYR A 14 13.72 23.64 -1.12
CA TYR A 14 13.57 24.28 -2.44
C TYR A 14 12.31 25.12 -2.64
N ASP A 15 12.28 26.32 -2.08
CA ASP A 15 13.36 26.83 -1.23
C ASP A 15 12.80 27.04 0.17
N THR A 16 13.35 28.00 0.92
CA THR A 16 12.74 28.40 2.19
C THR A 16 11.49 29.22 1.85
N LYS A 17 10.46 28.51 1.38
CA LYS A 17 9.26 29.09 0.76
C LYS A 17 9.58 29.53 -0.68
N SER A 18 9.74 30.84 -0.88
CA SER A 18 10.22 31.37 -2.15
C SER A 18 10.53 32.87 -2.07
N THR A 19 9.55 33.66 -1.61
CA THR A 19 9.65 35.12 -1.59
C THR A 19 10.10 35.66 -2.95
N GLY A 20 9.93 34.83 -3.98
CA GLY A 20 10.35 35.15 -5.34
C GLY A 20 11.05 33.98 -6.01
N GLY A 21 10.29 33.12 -6.67
CA GLY A 21 8.85 33.28 -6.80
C GLY A 21 8.36 32.97 -8.20
N LYS A 22 7.84 31.75 -8.38
CA LYS A 22 7.44 31.23 -9.69
C LYS A 22 8.67 30.94 -10.57
N PHE A 23 9.58 30.13 -10.03
CA PHE A 23 10.81 29.75 -10.71
C PHE A 23 10.53 29.44 -12.18
N GLN A 24 11.24 30.07 -13.12
CA GLN A 24 12.26 31.11 -12.88
C GLN A 24 12.58 31.73 -14.25
N ARG A 25 13.85 32.12 -14.46
CA ARG A 25 14.34 32.46 -15.79
C ARG A 25 14.94 31.20 -16.42
N SER A 26 14.73 30.09 -15.71
CA SER A 26 15.12 28.76 -16.15
C SER A 26 13.90 27.83 -16.05
N ALA A 27 12.72 28.44 -15.87
CA ALA A 27 11.45 27.74 -16.05
C ALA A 27 11.23 27.63 -17.55
N SER A 28 12.02 28.40 -18.28
CA SER A 28 12.10 28.29 -19.74
C SER A 28 12.64 26.90 -20.09
N ALA A 29 13.13 26.17 -19.08
CA ALA A 29 13.70 24.84 -19.23
C ALA A 29 14.51 24.69 -20.52
N PHE A 30 14.71 23.45 -20.94
CA PHE A 30 15.44 23.20 -22.16
C PHE A 30 14.53 22.57 -23.19
N ARG A 31 14.20 23.35 -24.21
CA ARG A 31 13.18 22.98 -25.16
C ARG A 31 13.65 23.22 -26.57
N ASN A 32 14.88 22.78 -26.87
CA ASN A 32 15.34 22.77 -28.25
C ASN A 32 14.89 21.49 -28.92
N TRP A 33 14.93 21.48 -30.24
CA TRP A 33 14.55 20.30 -30.99
C TRP A 33 15.67 19.75 -31.85
N LEU A 34 15.86 18.44 -31.79
CA LEU A 34 16.73 17.75 -32.70
C LEU A 34 15.93 17.54 -33.99
N THR A 35 16.45 18.01 -35.12
CA THR A 35 15.73 17.93 -36.39
C THR A 35 16.59 17.28 -37.46
N ALA A 36 15.98 16.95 -38.60
CA ALA A 36 16.72 16.26 -39.67
C ALA A 36 17.74 17.16 -40.36
N ASP A 37 17.45 18.46 -40.42
CA ASP A 37 18.30 19.40 -41.14
C ASP A 37 18.92 20.49 -40.25
N GLY A 38 18.71 20.41 -38.94
CA GLY A 38 19.33 21.35 -38.03
C GLY A 38 18.56 22.66 -37.89
N ALA A 39 17.47 22.79 -38.62
CA ALA A 39 16.57 23.92 -38.44
C ALA A 39 16.04 23.87 -37.02
N PRO A 40 15.62 25.03 -36.48
CA PRO A 40 15.08 25.01 -35.12
C PRO A 40 13.66 24.45 -35.09
N GLY A 41 13.29 23.77 -34.01
CA GLY A 41 11.91 23.38 -33.79
C GLY A 41 11.06 24.57 -33.39
N PRO A 42 9.82 24.32 -32.95
CA PRO A 42 8.89 25.42 -32.61
C PRO A 42 9.29 26.19 -31.34
N THR A 43 10.30 25.71 -30.63
CA THR A 43 10.88 26.44 -29.50
C THR A 43 12.39 26.22 -29.51
N GLY A 44 13.12 27.00 -28.72
CA GLY A 44 14.56 26.86 -28.65
C GLY A 44 15.28 27.43 -29.86
N THR A 45 16.48 26.95 -30.15
CA THR A 45 17.26 27.42 -31.29
C THR A 45 17.69 26.27 -32.20
N GLY A 46 18.29 26.60 -33.34
CA GLY A 46 18.64 25.61 -34.33
C GLY A 46 20.01 25.01 -34.10
N GLY A 47 20.47 24.16 -35.01
CA GLY A 47 21.80 23.62 -34.93
C GLY A 47 21.91 22.21 -34.36
N PHE A 48 20.79 21.65 -33.95
CA PHE A 48 20.79 20.29 -33.42
C PHE A 48 20.35 19.31 -34.49
N ILE A 49 21.22 19.13 -35.48
CA ILE A 49 20.91 18.28 -36.61
C ILE A 49 21.18 16.82 -36.24
N ALA A 50 20.31 15.94 -36.69
CA ALA A 50 20.51 14.51 -36.50
C ALA A 50 21.85 14.04 -37.08
N GLU A 51 22.64 13.36 -36.25
CA GLU A 51 23.87 12.73 -36.71
C GLU A 51 24.38 11.71 -35.70
N LYS A 52 25.35 10.89 -36.12
CA LYS A 52 25.94 9.90 -35.23
C LYS A 52 26.90 10.52 -34.21
N ASP A 53 27.17 9.78 -33.14
CA ASP A 53 28.20 10.14 -32.17
C ASP A 53 28.11 11.55 -31.63
N ARG A 54 26.92 12.12 -31.66
CA ARG A 54 26.74 13.47 -31.13
C ARG A 54 25.80 13.53 -29.92
N TYR A 55 24.75 12.73 -29.94
CA TYR A 55 23.70 12.86 -28.93
C TYR A 55 23.69 11.75 -27.88
N HIS A 56 23.40 12.15 -26.65
CA HIS A 56 23.44 11.27 -25.50
C HIS A 56 22.17 11.44 -24.69
N LEU A 57 21.81 10.41 -23.94
CA LEU A 57 20.57 10.41 -23.19
C LEU A 57 20.84 10.04 -21.74
N TYR A 58 20.54 10.95 -20.82
CA TYR A 58 20.65 10.66 -19.39
C TYR A 58 19.28 10.26 -18.86
N VAL A 59 19.17 9.04 -18.34
CA VAL A 59 17.88 8.57 -17.86
C VAL A 59 17.97 7.92 -16.49
N SER A 60 16.80 7.63 -15.95
CA SER A 60 16.69 6.70 -14.83
C SER A 60 15.83 5.57 -15.34
N LEU A 61 16.18 4.34 -14.96
CA LEU A 61 15.40 3.18 -15.39
C LEU A 61 14.09 3.08 -14.61
N ALA A 62 13.94 3.96 -13.62
CA ALA A 62 12.76 3.96 -12.76
C ALA A 62 11.69 4.96 -13.21
N CYS A 63 12.03 5.84 -14.13
CA CYS A 63 11.16 6.97 -14.44
C CYS A 63 10.29 6.73 -15.67
N PRO A 64 8.95 6.82 -15.51
CA PRO A 64 8.06 6.55 -16.63
C PRO A 64 8.22 7.56 -17.77
N TRP A 65 8.60 8.80 -17.45
CA TRP A 65 8.88 9.80 -18.48
C TRP A 65 10.15 9.47 -19.24
N ALA A 66 11.22 9.23 -18.51
CA ALA A 66 12.48 8.82 -19.11
C ALA A 66 12.28 7.54 -19.89
N HIS A 67 11.40 6.67 -19.40
CA HIS A 67 11.16 5.37 -20.04
C HIS A 67 10.60 5.51 -21.46
N ARG A 68 9.78 6.54 -21.69
CA ARG A 68 9.26 6.84 -23.02
C ARG A 68 10.36 6.95 -24.05
N THR A 69 11.46 7.62 -23.69
CA THR A 69 12.54 7.85 -24.65
C THR A 69 13.34 6.57 -24.95
N LEU A 70 13.54 5.73 -23.94
CA LEU A 70 14.21 4.44 -24.16
C LEU A 70 13.41 3.55 -25.09
N ILE A 71 12.09 3.57 -24.93
CA ILE A 71 11.23 2.74 -25.78
C ILE A 71 11.26 3.25 -27.21
N MET A 72 11.17 4.56 -27.38
CA MET A 72 11.17 5.13 -28.72
C MET A 72 12.52 4.85 -29.38
N ARG A 73 13.58 4.87 -28.57
CA ARG A 73 14.93 4.54 -29.03
C ARG A 73 15.04 3.10 -29.56
N LYS A 74 14.34 2.17 -28.91
CA LYS A 74 14.32 0.81 -29.42
C LYS A 74 13.48 0.68 -30.69
N LEU A 75 12.22 1.11 -30.63
CA LEU A 75 11.31 0.95 -31.75
C LEU A 75 11.84 1.56 -33.04
N LYS A 76 12.57 2.67 -32.91
CA LYS A 76 13.06 3.40 -34.09
C LYS A 76 14.48 3.00 -34.50
N GLY A 77 15.10 2.12 -33.72
CA GLY A 77 16.43 1.62 -34.03
C GLY A 77 17.50 2.70 -33.94
N LEU A 78 17.50 3.44 -32.84
CA LEU A 78 18.39 4.56 -32.70
C LEU A 78 19.61 4.27 -31.81
N GLU A 79 19.83 2.99 -31.46
CA GLU A 79 20.98 2.63 -30.61
C GLU A 79 22.32 3.07 -31.20
N PRO A 80 22.48 3.00 -32.53
CA PRO A 80 23.68 3.50 -33.20
C PRO A 80 23.88 5.01 -33.08
N PHE A 81 22.83 5.75 -32.76
CA PHE A 81 22.92 7.21 -32.72
C PHE A 81 22.82 7.79 -31.32
N ILE A 82 22.19 7.07 -30.41
CA ILE A 82 21.97 7.58 -29.06
C ILE A 82 22.59 6.69 -27.97
N SER A 83 23.65 7.18 -27.35
CA SER A 83 24.27 6.49 -26.23
C SER A 83 23.51 6.83 -24.96
N VAL A 84 23.70 6.05 -23.90
CA VAL A 84 22.85 6.16 -22.73
C VAL A 84 23.60 6.07 -21.40
N SER A 85 23.20 6.89 -20.44
CA SER A 85 23.72 6.81 -19.09
C SER A 85 22.55 6.62 -18.14
N VAL A 86 22.67 5.65 -17.25
CA VAL A 86 21.62 5.39 -16.27
C VAL A 86 22.05 5.84 -14.89
N VAL A 87 21.42 6.89 -14.38
CA VAL A 87 21.66 7.33 -13.01
C VAL A 87 21.24 6.27 -11.99
N ASN A 88 21.76 6.40 -10.78
CA ASN A 88 21.40 5.53 -9.68
C ASN A 88 19.94 5.76 -9.32
N PRO A 89 19.18 4.67 -9.06
CA PRO A 89 17.78 4.69 -8.64
C PRO A 89 17.50 5.45 -7.33
N LEU A 90 18.44 5.47 -6.40
CA LEU A 90 18.25 6.15 -5.13
C LEU A 90 18.34 7.65 -5.27
N MET A 91 17.23 8.35 -5.17
CA MET A 91 17.22 9.79 -5.35
C MET A 91 17.09 10.48 -4.00
N LEU A 92 18.23 10.78 -3.38
CA LEU A 92 18.24 11.30 -2.02
C LEU A 92 18.41 12.82 -1.93
N GLU A 93 19.26 13.27 -1.02
CA GLU A 93 19.36 14.71 -0.71
C GLU A 93 20.12 15.50 -1.77
N ASN A 94 20.81 14.79 -2.69
CA ASN A 94 21.48 15.43 -3.82
C ASN A 94 20.74 15.30 -5.16
N GLY A 95 19.55 14.70 -5.14
CA GLY A 95 18.84 14.46 -6.38
C GLY A 95 19.47 13.32 -7.15
N TRP A 96 19.15 13.22 -8.44
CA TRP A 96 19.69 12.12 -9.23
C TRP A 96 21.22 12.07 -9.16
N THR A 97 21.74 10.86 -9.03
CA THR A 97 23.13 10.64 -8.70
C THR A 97 23.82 9.71 -9.71
N PHE A 98 25.12 9.90 -9.91
CA PHE A 98 25.84 9.05 -10.87
C PHE A 98 26.54 7.87 -10.20
N ASP A 99 26.21 7.66 -8.93
CA ASP A 99 26.60 6.48 -8.17
C ASP A 99 26.33 5.21 -8.98
N ASP A 100 27.38 4.57 -9.49
CA ASP A 100 27.19 3.22 -10.01
C ASP A 100 27.10 2.31 -8.80
N SER A 101 27.37 1.02 -8.96
CA SER A 101 27.33 0.06 -7.84
C SER A 101 26.00 -0.69 -7.82
N PHE A 102 24.89 0.05 -7.91
CA PHE A 102 23.63 -0.58 -8.19
C PHE A 102 23.69 -1.14 -9.61
N PRO A 103 23.35 -2.43 -9.78
CA PRO A 103 23.38 -3.04 -11.11
C PRO A 103 22.46 -2.28 -12.07
N GLY A 104 22.96 -1.94 -13.25
CA GLY A 104 22.21 -1.17 -14.22
C GLY A 104 22.56 0.31 -14.21
N ALA A 105 22.96 0.83 -13.05
CA ALA A 105 23.53 2.18 -12.96
C ALA A 105 24.91 2.16 -13.59
N THR A 106 25.21 3.16 -14.39
CA THR A 106 26.43 3.16 -15.21
C THR A 106 27.40 4.26 -14.86
N GLY A 107 26.99 5.17 -13.98
CA GLY A 107 27.73 6.40 -13.76
C GLY A 107 27.64 7.27 -15.01
N ASP A 108 28.23 8.45 -14.95
CA ASP A 108 28.25 9.38 -16.09
C ASP A 108 29.27 8.94 -17.12
N THR A 109 28.78 8.28 -18.17
CA THR A 109 29.63 7.67 -19.19
C THR A 109 30.34 8.68 -20.11
N LEU A 110 29.98 9.95 -20.00
CA LEU A 110 30.61 10.97 -20.83
C LEU A 110 31.68 11.76 -20.08
N TYR A 111 31.37 12.18 -18.85
CA TYR A 111 32.26 13.08 -18.12
C TYR A 111 32.44 12.65 -16.67
N GLN A 112 31.94 11.47 -16.33
CA GLN A 112 31.96 10.98 -14.96
C GLN A 112 31.78 12.06 -13.89
N ASN A 113 30.67 12.80 -13.98
CA ASN A 113 30.24 13.69 -12.91
C ASN A 113 29.78 12.91 -11.66
N GLU A 114 29.40 13.65 -10.62
CA GLU A 114 28.83 13.03 -9.42
C GLU A 114 27.32 13.09 -9.42
N PHE A 115 26.79 14.18 -9.95
CA PHE A 115 25.37 14.48 -9.85
C PHE A 115 24.80 14.91 -11.19
N LEU A 116 23.56 14.51 -11.44
CA LEU A 116 22.83 14.96 -12.61
C LEU A 116 22.86 16.48 -12.67
N TYR A 117 22.70 17.15 -11.53
CA TYR A 117 22.56 18.60 -11.54
C TYR A 117 23.83 19.31 -12.03
N GLN A 118 24.94 18.60 -12.05
CA GLN A 118 26.18 19.16 -12.60
C GLN A 118 26.06 19.39 -14.10
N LEU A 119 25.34 18.49 -14.78
CA LEU A 119 25.10 18.65 -16.21
C LEU A 119 24.25 19.88 -16.48
N TYR A 120 23.23 20.07 -15.66
CA TYR A 120 22.42 21.27 -15.79
C TYR A 120 23.27 22.52 -15.63
N LEU A 121 24.15 22.51 -14.62
CA LEU A 121 24.97 23.68 -14.30
C LEU A 121 25.92 24.03 -15.43
N HIS A 122 26.48 23.00 -16.06
CA HIS A 122 27.32 23.15 -17.23
C HIS A 122 26.54 23.88 -18.36
N ALA A 123 25.31 23.44 -18.61
CA ALA A 123 24.49 24.09 -19.63
C ALA A 123 24.10 25.51 -19.24
N ASP A 124 23.91 25.76 -17.95
CA ASP A 124 23.45 27.06 -17.44
C ASP A 124 23.92 27.29 -16.00
N PRO A 125 25.11 27.93 -15.84
CA PRO A 125 25.83 28.00 -14.57
C PRO A 125 24.99 28.54 -13.41
N HIS A 126 23.93 29.26 -13.75
CA HIS A 126 23.05 29.84 -12.74
C HIS A 126 21.61 29.45 -13.03
N TYR A 127 21.44 28.17 -13.35
CA TYR A 127 20.13 27.59 -13.62
C TYR A 127 19.28 27.48 -12.35
N SER A 128 18.00 27.76 -12.47
CA SER A 128 17.08 27.62 -11.36
C SER A 128 15.88 26.79 -11.81
N GLY A 129 15.74 25.60 -11.26
CA GLY A 129 14.66 24.72 -11.61
C GLY A 129 14.86 23.32 -11.08
N ARG A 130 13.99 22.40 -11.48
CA ARG A 130 14.12 21.02 -11.05
C ARG A 130 15.11 20.28 -11.94
N VAL A 131 15.91 19.42 -11.32
CA VAL A 131 16.92 18.62 -12.04
C VAL A 131 16.37 17.24 -12.39
N THR A 132 15.82 17.13 -13.59
CA THR A 132 15.03 15.94 -13.96
C THR A 132 15.69 15.07 -15.03
N VAL A 133 15.22 13.83 -15.11
CA VAL A 133 15.48 12.95 -16.25
C VAL A 133 14.14 12.84 -16.99
N PRO A 134 14.15 12.56 -18.29
CA PRO A 134 15.33 12.34 -19.13
C PRO A 134 15.98 13.64 -19.56
N VAL A 135 17.26 13.57 -19.91
CA VAL A 135 17.97 14.70 -20.49
C VAL A 135 18.58 14.24 -21.80
N LEU A 136 18.27 14.94 -22.88
CA LEU A 136 18.94 14.70 -24.16
C LEU A 136 20.10 15.68 -24.29
N TRP A 137 21.32 15.14 -24.23
CA TRP A 137 22.54 15.92 -24.13
C TRP A 137 23.26 16.00 -25.48
N ASP A 138 23.81 17.17 -25.79
CA ASP A 138 24.54 17.37 -27.05
C ASP A 138 26.05 17.37 -26.80
N LYS A 139 26.72 16.28 -27.17
CA LYS A 139 28.16 16.12 -26.92
C LYS A 139 29.01 17.16 -27.64
N LYS A 140 28.59 17.58 -28.82
CA LYS A 140 29.36 18.57 -29.58
C LYS A 140 29.39 19.92 -28.86
N ASN A 141 28.22 20.48 -28.60
CA ASN A 141 28.15 21.79 -27.96
C ASN A 141 28.09 21.78 -26.42
N HIS A 142 28.33 20.61 -25.82
CA HIS A 142 28.27 20.42 -24.36
C HIS A 142 27.11 21.15 -23.68
N THR A 143 25.91 20.92 -24.17
CA THR A 143 24.74 21.53 -23.58
C THR A 143 23.56 20.56 -23.62
N ILE A 144 22.43 20.98 -23.07
CA ILE A 144 21.22 20.16 -23.06
C ILE A 144 20.32 20.52 -24.24
N VAL A 145 19.98 19.53 -25.05
CA VAL A 145 19.04 19.77 -26.14
C VAL A 145 17.64 19.90 -25.54
N SER A 146 17.20 18.85 -24.87
CA SER A 146 15.86 18.85 -24.29
C SER A 146 15.85 18.07 -22.99
N ASN A 147 14.99 18.50 -22.08
CA ASN A 147 14.66 17.64 -20.94
C ASN A 147 13.14 17.49 -20.84
N GLU A 148 12.50 17.36 -22.00
CA GLU A 148 11.06 17.18 -22.09
C GLU A 148 10.75 15.89 -22.89
N SER A 149 10.37 14.84 -22.18
CA SER A 149 10.17 13.52 -22.79
C SER A 149 9.12 13.47 -23.90
N ALA A 150 8.09 14.29 -23.81
CA ALA A 150 7.03 14.27 -24.81
C ALA A 150 7.53 14.80 -26.14
N GLU A 151 8.58 15.60 -26.11
CA GLU A 151 9.13 16.17 -27.32
C GLU A 151 10.32 15.37 -27.84
N ILE A 152 11.11 14.82 -26.93
CA ILE A 152 12.19 13.94 -27.32
C ILE A 152 11.68 12.76 -28.16
N ILE A 153 10.53 12.21 -27.79
CA ILE A 153 10.01 11.10 -28.58
C ILE A 153 9.58 11.55 -29.98
N ARG A 154 9.03 12.76 -30.10
CA ARG A 154 8.76 13.32 -31.43
C ARG A 154 10.03 13.41 -32.27
N MET A 155 11.12 13.89 -31.66
CA MET A 155 12.41 14.00 -32.35
C MET A 155 12.92 12.63 -32.81
N PHE A 156 12.95 11.67 -31.89
CA PHE A 156 13.34 10.30 -32.20
C PHE A 156 12.47 9.71 -33.30
N ASN A 157 11.22 10.16 -33.37
CA ASN A 157 10.23 9.57 -34.25
C ASN A 157 10.50 9.88 -35.70
N THR A 158 11.13 11.03 -35.97
CA THR A 158 11.39 11.42 -37.36
C THR A 158 12.79 11.94 -37.70
N ALA A 159 13.50 12.51 -36.73
CA ALA A 159 14.72 13.27 -37.03
C ALA A 159 15.80 12.45 -37.72
N PHE A 160 15.79 11.14 -37.46
CA PHE A 160 16.82 10.25 -37.98
C PHE A 160 16.34 9.41 -39.15
N ASP A 161 15.18 9.75 -39.72
CA ASP A 161 14.59 8.86 -40.73
C ASP A 161 15.45 8.63 -41.96
N ALA A 162 16.38 9.55 -42.24
CA ALA A 162 17.21 9.49 -43.43
C ALA A 162 18.62 8.95 -43.15
N LEU A 163 18.88 8.63 -41.89
CA LEU A 163 20.18 8.16 -41.45
C LEU A 163 20.16 6.69 -41.10
N GLY A 164 18.99 6.06 -41.23
CA GLY A 164 18.89 4.64 -40.97
C GLY A 164 17.92 4.22 -39.89
N ALA A 165 17.14 5.17 -39.36
CA ALA A 165 16.10 4.85 -38.39
C ALA A 165 15.14 3.84 -39.02
N LYS A 166 14.69 2.86 -38.23
CA LYS A 166 13.66 1.91 -38.67
C LYS A 166 12.36 2.62 -39.03
N ALA A 167 11.72 2.18 -40.11
CA ALA A 167 10.45 2.77 -40.52
C ALA A 167 9.45 2.68 -39.38
N GLY A 168 8.65 3.73 -39.23
CA GLY A 168 7.67 3.77 -38.16
C GLY A 168 7.35 5.18 -37.75
N ASP A 169 6.07 5.53 -37.80
CA ASP A 169 5.63 6.85 -37.37
C ASP A 169 4.56 6.71 -36.28
N TYR A 170 4.94 7.05 -35.06
CA TYR A 170 4.08 6.86 -33.90
C TYR A 170 3.28 8.12 -33.59
N TYR A 171 3.32 9.05 -34.54
CA TYR A 171 2.56 10.29 -34.46
C TYR A 171 2.23 10.78 -35.86
N PRO A 172 1.66 9.90 -36.70
CA PRO A 172 1.43 10.24 -38.11
C PRO A 172 0.30 11.26 -38.25
N PRO A 173 0.39 12.15 -39.25
CA PRO A 173 -0.60 13.20 -39.52
C PRO A 173 -2.06 12.75 -39.33
N ALA A 174 -2.44 11.61 -39.88
CA ALA A 174 -3.82 11.13 -39.77
C ALA A 174 -4.31 10.90 -38.33
N LEU A 175 -3.42 10.54 -37.42
CA LEU A 175 -3.85 10.22 -36.05
C LEU A 175 -3.50 11.29 -35.01
N GLN A 176 -2.95 12.41 -35.45
CA GLN A 176 -2.43 13.40 -34.50
C GLN A 176 -3.50 14.00 -33.58
N THR A 177 -4.66 14.29 -34.14
CA THR A 177 -5.74 14.86 -33.35
C THR A 177 -6.22 13.89 -32.27
N LYS A 178 -6.48 12.63 -32.66
CA LYS A 178 -6.86 11.62 -31.67
C LYS A 178 -5.78 11.44 -30.61
N ILE A 179 -4.52 11.38 -31.04
CA ILE A 179 -3.39 11.19 -30.12
C ILE A 179 -3.25 12.35 -29.13
N ASP A 180 -3.35 13.58 -29.63
CA ASP A 180 -3.23 14.76 -28.77
C ASP A 180 -4.31 14.78 -27.70
N GLU A 181 -5.52 14.37 -28.09
CA GLU A 181 -6.64 14.32 -27.15
C GLU A 181 -6.45 13.27 -26.05
N LEU A 182 -6.03 12.07 -26.44
CA LEU A 182 -5.70 11.02 -25.49
C LEU A 182 -4.59 11.48 -24.55
N ASN A 183 -3.49 11.97 -25.11
CA ASN A 183 -2.36 12.40 -24.29
C ASN A 183 -2.84 13.37 -23.22
N GLY A 184 -3.74 14.27 -23.60
CA GLY A 184 -4.21 15.28 -22.69
C GLY A 184 -4.82 14.71 -21.43
N TRP A 185 -5.82 13.84 -21.58
CA TRP A 185 -6.46 13.30 -20.39
C TRP A 185 -5.71 12.15 -19.74
N ILE A 186 -5.02 11.34 -20.55
CA ILE A 186 -4.20 10.28 -19.98
C ILE A 186 -3.08 10.88 -19.15
N TYR A 187 -2.57 12.03 -19.57
CA TYR A 187 -1.52 12.67 -18.80
C TYR A 187 -2.03 13.18 -17.46
N ASP A 188 -3.15 13.91 -17.50
CA ASP A 188 -3.69 14.55 -16.30
C ASP A 188 -4.30 13.57 -15.28
N THR A 189 -4.93 12.50 -15.75
CA THR A 189 -5.58 11.57 -14.83
C THR A 189 -4.82 10.27 -14.55
N VAL A 190 -3.80 9.95 -15.35
CA VAL A 190 -3.09 8.68 -15.18
C VAL A 190 -1.57 8.79 -15.00
N ASN A 191 -0.86 9.33 -16.00
CA ASN A 191 0.60 9.46 -15.91
C ASN A 191 0.93 10.29 -14.69
N ASN A 192 0.24 11.42 -14.58
CA ASN A 192 0.50 12.33 -13.50
C ASN A 192 -0.54 12.17 -12.39
N GLY A 193 -1.66 11.53 -12.72
CA GLY A 193 -2.71 11.25 -11.76
C GLY A 193 -2.24 10.39 -10.58
N VAL A 194 -1.48 9.34 -10.86
CA VAL A 194 -0.98 8.49 -9.79
C VAL A 194 -0.07 9.29 -8.85
N TYR A 195 0.61 10.31 -9.38
CA TYR A 195 1.47 11.17 -8.56
C TYR A 195 0.65 12.12 -7.69
N LYS A 196 -0.39 12.69 -8.29
CA LYS A 196 -1.27 13.56 -7.52
C LYS A 196 -1.86 12.80 -6.35
N ALA A 197 -2.06 11.49 -6.53
CA ALA A 197 -2.63 10.66 -5.48
C ALA A 197 -1.58 10.30 -4.45
N GLY A 198 -0.46 9.75 -4.91
CA GLY A 198 0.64 9.40 -4.02
C GLY A 198 1.08 10.54 -3.12
N PHE A 199 1.22 11.74 -3.67
CA PHE A 199 1.71 12.88 -2.90
C PHE A 199 0.63 13.83 -2.40
N ALA A 200 -0.63 13.40 -2.44
CA ALA A 200 -1.72 14.26 -2.00
C ALA A 200 -1.47 14.77 -0.59
N THR A 201 -1.70 16.06 -0.37
CA THR A 201 -1.46 16.64 0.94
C THR A 201 -2.58 16.30 1.92
N SER A 202 -3.82 16.38 1.45
CA SER A 202 -4.98 16.06 2.29
C SER A 202 -5.75 14.85 1.78
N GLN A 203 -6.63 14.32 2.62
CA GLN A 203 -7.47 13.19 2.25
C GLN A 203 -8.36 13.56 1.07
N GLU A 204 -8.80 14.81 1.02
CA GLU A 204 -9.65 15.26 -0.08
C GLU A 204 -8.88 15.28 -1.41
N ALA A 205 -7.62 15.69 -1.37
CA ALA A 205 -6.82 15.76 -2.58
C ALA A 205 -6.60 14.36 -3.12
N TYR A 206 -6.32 13.43 -2.22
CA TYR A 206 -6.12 12.04 -2.61
C TYR A 206 -7.41 11.44 -3.18
N ASP A 207 -8.52 11.69 -2.49
CA ASP A 207 -9.80 11.14 -2.91
C ASP A 207 -10.16 11.51 -4.35
N GLU A 208 -9.88 12.75 -4.73
CA GLU A 208 -10.23 13.22 -6.07
C GLU A 208 -9.27 12.66 -7.12
N ALA A 209 -7.99 12.57 -6.78
CA ALA A 209 -6.99 12.09 -7.73
C ALA A 209 -7.20 10.61 -8.04
N VAL A 210 -7.37 9.81 -6.98
CA VAL A 210 -7.41 8.35 -7.14
C VAL A 210 -8.68 7.89 -7.82
N ALA A 211 -9.77 8.64 -7.62
CA ALA A 211 -10.99 8.33 -8.35
C ALA A 211 -10.87 8.64 -9.84
N LYS A 212 -10.21 9.75 -10.18
CA LYS A 212 -9.97 10.05 -11.59
C LYS A 212 -9.07 8.98 -12.22
N VAL A 213 -8.10 8.47 -11.46
CA VAL A 213 -7.27 7.37 -11.93
C VAL A 213 -8.10 6.15 -12.31
N PHE A 214 -9.01 5.73 -11.42
CA PHE A 214 -9.79 4.53 -11.70
C PHE A 214 -10.92 4.78 -12.66
N GLU A 215 -11.34 6.03 -12.75
CA GLU A 215 -12.33 6.44 -13.73
C GLU A 215 -11.73 6.33 -15.12
N SER A 216 -10.49 6.79 -15.27
CA SER A 216 -9.78 6.72 -16.56
C SER A 216 -9.39 5.28 -16.95
N LEU A 217 -8.93 4.47 -16.01
CA LEU A 217 -8.67 3.07 -16.33
C LEU A 217 -9.94 2.40 -16.87
N ALA A 218 -11.08 2.71 -16.25
CA ALA A 218 -12.33 2.10 -16.68
C ALA A 218 -12.63 2.48 -18.12
N ARG A 219 -12.41 3.76 -18.44
CA ARG A 219 -12.59 4.27 -19.79
C ARG A 219 -11.60 3.62 -20.75
N LEU A 220 -10.35 3.49 -20.31
CA LEU A 220 -9.32 2.87 -21.13
C LEU A 220 -9.64 1.40 -21.40
N GLU A 221 -10.24 0.73 -20.42
CA GLU A 221 -10.61 -0.68 -20.55
C GLU A 221 -11.66 -0.85 -21.62
N GLN A 222 -12.56 0.12 -21.70
CA GLN A 222 -13.59 0.12 -22.73
C GLN A 222 -12.96 0.35 -24.11
N ILE A 223 -12.10 1.36 -24.23
CA ILE A 223 -11.40 1.66 -25.47
C ILE A 223 -10.61 0.46 -25.98
N LEU A 224 -9.84 -0.16 -25.09
CA LEU A 224 -8.97 -1.26 -25.47
C LEU A 224 -9.70 -2.60 -25.65
N GLY A 225 -11.02 -2.59 -25.52
CA GLY A 225 -11.82 -3.74 -25.88
C GLY A 225 -12.37 -3.59 -27.29
N GLN A 226 -12.11 -2.45 -27.92
CA GLN A 226 -12.57 -2.17 -29.29
C GLN A 226 -11.54 -2.45 -30.37
N HIS A 227 -10.26 -2.28 -30.06
CA HIS A 227 -9.17 -2.53 -31.01
C HIS A 227 -7.87 -2.75 -30.25
N ARG A 228 -6.82 -3.17 -30.95
CA ARG A 228 -5.57 -3.57 -30.29
C ARG A 228 -4.94 -2.45 -29.46
N TYR A 229 -5.02 -1.22 -29.96
CA TYR A 229 -4.36 -0.10 -29.31
C TYR A 229 -5.37 1.01 -29.11
N LEU A 230 -4.91 2.16 -28.61
CA LEU A 230 -5.81 3.26 -28.24
C LEU A 230 -6.57 3.93 -29.40
N THR A 231 -6.01 3.95 -30.60
CA THR A 231 -6.62 4.66 -31.71
C THR A 231 -7.08 3.71 -32.80
N GLY A 232 -6.84 2.42 -32.62
CA GLY A 232 -7.14 1.44 -33.64
C GLY A 232 -6.11 0.31 -33.64
N ASN A 233 -5.76 -0.16 -34.82
CA ASN A 233 -4.81 -1.26 -34.94
C ASN A 233 -3.37 -0.81 -35.10
N GLN A 234 -3.11 0.48 -34.93
CA GLN A 234 -1.75 1.03 -35.04
C GLN A 234 -1.24 1.45 -33.67
N LEU A 235 -0.02 1.06 -33.34
CA LEU A 235 0.65 1.54 -32.14
C LEU A 235 1.04 3.01 -32.34
N THR A 236 0.79 3.84 -31.33
CA THR A 236 1.15 5.26 -31.39
C THR A 236 1.83 5.72 -30.11
N GLU A 237 2.29 6.97 -30.08
CA GLU A 237 2.95 7.46 -28.88
C GLU A 237 1.99 7.54 -27.70
N ALA A 238 0.68 7.57 -27.96
CA ALA A 238 -0.29 7.64 -26.86
C ALA A 238 -0.27 6.34 -26.08
N ASP A 239 -0.12 5.23 -26.79
CA ASP A 239 0.03 3.94 -26.13
C ASP A 239 1.30 3.89 -25.30
N ILE A 240 2.42 4.26 -25.93
CA ILE A 240 3.72 4.28 -25.28
C ILE A 240 3.68 5.09 -23.98
N ARG A 241 3.03 6.23 -24.03
CA ARG A 241 2.96 7.11 -22.86
C ARG A 241 2.06 6.54 -21.75
N LEU A 242 1.05 5.78 -22.15
CA LEU A 242 0.18 5.14 -21.18
C LEU A 242 0.90 3.93 -20.60
N TRP A 243 1.59 3.20 -21.46
CA TRP A 243 2.25 1.97 -21.07
C TRP A 243 3.30 2.17 -19.98
N THR A 244 4.09 3.24 -20.07
CA THR A 244 5.17 3.42 -19.10
C THR A 244 4.63 3.59 -17.69
N THR A 245 3.42 4.12 -17.57
CA THR A 245 2.72 4.18 -16.29
C THR A 245 2.15 2.81 -15.92
N LEU A 246 1.46 2.19 -16.87
CA LEU A 246 0.85 0.89 -16.65
C LEU A 246 1.83 -0.15 -16.11
N VAL A 247 3.07 -0.15 -16.60
CA VAL A 247 4.03 -1.18 -16.22
C VAL A 247 4.55 -0.95 -14.80
N ARG A 248 4.33 0.25 -14.28
CA ARG A 248 4.75 0.60 -12.93
C ARG A 248 3.58 0.53 -11.97
N PHE A 249 2.41 0.24 -12.50
CA PHE A 249 1.18 0.36 -11.71
C PHE A 249 1.08 -0.69 -10.62
N ASP A 250 1.24 -1.96 -10.98
CA ASP A 250 1.14 -3.03 -10.00
C ASP A 250 2.38 -3.14 -9.08
N PRO A 251 3.59 -3.01 -9.64
CA PRO A 251 4.79 -3.02 -8.78
C PRO A 251 4.89 -1.85 -7.78
N VAL A 252 4.35 -0.69 -8.10
CA VAL A 252 4.54 0.47 -7.23
C VAL A 252 3.26 1.24 -6.91
N TYR A 253 2.57 1.73 -7.93
CA TYR A 253 1.51 2.71 -7.71
C TYR A 253 0.39 2.17 -6.83
N VAL A 254 0.03 0.91 -7.05
CA VAL A 254 -1.00 0.24 -6.27
C VAL A 254 -0.77 0.38 -4.75
N THR A 255 0.42 -0.03 -4.27
CA THR A 255 0.74 0.07 -2.85
C THR A 255 1.33 1.43 -2.46
N HIS A 256 2.44 1.80 -3.09
CA HIS A 256 3.19 2.99 -2.73
C HIS A 256 2.38 4.28 -2.87
N PHE A 257 1.62 4.39 -3.96
CA PHE A 257 0.79 5.57 -4.20
C PHE A 257 -0.68 5.34 -3.82
N LYS A 258 -0.96 4.24 -3.15
CA LYS A 258 -2.31 3.95 -2.67
C LYS A 258 -3.39 3.98 -3.75
N CYS A 259 -3.01 3.61 -4.98
CA CYS A 259 -3.98 3.49 -6.05
C CYS A 259 -4.44 2.04 -6.12
N ASP A 260 -5.16 1.61 -5.09
CA ASP A 260 -5.28 0.18 -4.82
C ASP A 260 -6.68 -0.40 -4.96
N LYS A 261 -7.59 0.32 -5.62
CA LYS A 261 -8.93 -0.22 -5.84
C LYS A 261 -8.90 -1.47 -6.71
N HIS A 262 -8.14 -1.42 -7.80
CA HIS A 262 -7.99 -2.57 -8.69
C HIS A 262 -6.55 -2.67 -9.14
N ARG A 263 -6.14 -3.88 -9.50
CA ARG A 263 -4.83 -4.10 -10.07
C ARG A 263 -4.99 -4.14 -11.58
N ILE A 264 -3.95 -3.75 -12.32
CA ILE A 264 -4.02 -3.79 -13.77
C ILE A 264 -4.35 -5.21 -14.25
N SER A 265 -3.85 -6.20 -13.52
CA SER A 265 -4.11 -7.61 -13.86
C SER A 265 -5.58 -7.99 -13.70
N ASP A 266 -6.36 -7.12 -13.06
CA ASP A 266 -7.80 -7.40 -12.91
C ASP A 266 -8.57 -6.99 -14.17
N TYR A 267 -7.93 -6.25 -15.08
CA TYR A 267 -8.61 -5.81 -16.29
C TYR A 267 -8.18 -6.68 -17.46
N LEU A 268 -9.13 -7.28 -18.15
CA LEU A 268 -8.82 -8.14 -19.29
C LEU A 268 -8.02 -7.40 -20.35
N ASN A 269 -8.53 -6.27 -20.81
CA ASN A 269 -7.89 -5.56 -21.91
C ASN A 269 -6.63 -4.78 -21.54
N LEU A 270 -6.68 -4.01 -20.45
CA LEU A 270 -5.51 -3.25 -20.02
C LEU A 270 -4.34 -4.17 -19.76
N TYR A 271 -4.62 -5.30 -19.10
CA TYR A 271 -3.60 -6.29 -18.82
C TYR A 271 -3.08 -6.96 -20.10
N GLY A 272 -3.94 -7.10 -21.11
CA GLY A 272 -3.53 -7.62 -22.40
C GLY A 272 -2.61 -6.65 -23.12
N PHE A 273 -3.04 -5.40 -23.19
CA PHE A 273 -2.25 -4.30 -23.75
C PHE A 273 -0.89 -4.20 -23.04
N LEU A 274 -0.89 -4.28 -21.72
CA LEU A 274 0.37 -4.30 -20.97
C LEU A 274 1.33 -5.42 -21.41
N ARG A 275 0.83 -6.65 -21.52
CA ARG A 275 1.69 -7.79 -21.90
C ARG A 275 2.09 -7.68 -23.35
N ASP A 276 1.16 -7.20 -24.18
CA ASP A 276 1.36 -7.09 -25.61
C ASP A 276 2.57 -6.20 -25.95
N ILE A 277 2.59 -4.99 -25.42
CA ILE A 277 3.70 -4.08 -25.67
C ILE A 277 4.99 -4.59 -25.01
N TYR A 278 4.88 -5.10 -23.78
CA TYR A 278 6.02 -5.66 -23.07
C TYR A 278 6.76 -6.73 -23.87
N GLN A 279 6.03 -7.44 -24.72
CA GLN A 279 6.56 -8.61 -25.38
C GLN A 279 7.04 -8.30 -26.77
N MET A 280 6.99 -7.03 -27.15
CA MET A 280 7.55 -6.62 -28.43
C MET A 280 9.06 -6.71 -28.34
N PRO A 281 9.70 -7.06 -29.46
CA PRO A 281 11.16 -7.22 -29.47
C PRO A 281 11.84 -5.93 -29.04
N GLY A 282 12.71 -6.03 -28.04
CA GLY A 282 13.50 -4.90 -27.59
C GLY A 282 12.94 -4.18 -26.38
N ILE A 283 11.65 -4.36 -26.14
CA ILE A 283 10.96 -3.61 -25.10
C ILE A 283 11.33 -4.08 -23.69
N ALA A 284 11.29 -5.39 -23.47
CA ALA A 284 11.52 -5.93 -22.14
C ALA A 284 12.85 -5.50 -21.53
N GLU A 285 13.89 -5.38 -22.36
CA GLU A 285 15.19 -4.94 -21.85
C GLU A 285 15.12 -3.58 -21.17
N THR A 286 14.16 -2.75 -21.59
CA THR A 286 14.03 -1.39 -21.06
C THR A 286 13.33 -1.37 -19.69
N VAL A 287 12.84 -2.52 -19.26
CA VAL A 287 12.12 -2.62 -18.00
C VAL A 287 13.03 -3.19 -16.94
N ASN A 288 13.22 -2.45 -15.86
CA ASN A 288 14.02 -2.93 -14.75
C ASN A 288 13.28 -2.72 -13.43
N PHE A 289 12.66 -3.78 -12.93
CA PHE A 289 11.84 -3.68 -11.73
C PHE A 289 12.64 -3.39 -10.46
N ASP A 290 13.92 -3.73 -10.45
CA ASP A 290 14.75 -3.38 -9.31
C ASP A 290 14.93 -1.87 -9.21
N HIS A 291 15.24 -1.24 -10.35
CA HIS A 291 15.37 0.20 -10.37
C HIS A 291 14.05 0.85 -10.00
N ILE A 292 12.97 0.38 -10.64
CA ILE A 292 11.65 0.91 -10.37
C ILE A 292 11.26 0.82 -8.90
N ARG A 293 11.28 -0.39 -8.35
CA ARG A 293 10.82 -0.61 -6.99
C ARG A 293 11.75 0.03 -5.97
N ASN A 294 13.04 -0.03 -6.24
CA ASN A 294 14.00 0.66 -5.37
C ASN A 294 13.82 2.16 -5.38
N HIS A 295 13.69 2.77 -6.55
CA HIS A 295 13.56 4.22 -6.61
C HIS A 295 12.37 4.70 -5.79
N TYR A 296 11.20 4.15 -6.05
CA TYR A 296 9.98 4.68 -5.44
C TYR A 296 9.90 4.49 -3.93
N PHE A 297 10.15 3.28 -3.46
CA PHE A 297 9.99 2.95 -2.05
C PHE A 297 11.07 3.58 -1.15
N ARG A 298 12.30 3.62 -1.64
CA ARG A 298 13.43 4.12 -0.87
C ARG A 298 13.63 5.63 -0.99
N SER A 299 13.24 6.22 -2.12
CA SER A 299 13.46 7.64 -2.35
C SER A 299 12.42 8.55 -1.70
N HIS A 300 11.18 8.06 -1.61
CA HIS A 300 10.09 8.92 -1.15
C HIS A 300 9.85 8.76 0.34
N LYS A 301 10.78 9.28 1.14
CA LYS A 301 10.75 9.08 2.58
C LYS A 301 9.62 9.88 3.20
N THR A 302 9.05 10.77 2.40
CA THR A 302 7.93 11.59 2.83
C THR A 302 6.66 10.73 2.92
N ILE A 303 6.58 9.73 2.06
CA ILE A 303 5.44 8.84 1.95
C ILE A 303 5.71 7.52 2.67
N ASN A 304 6.96 7.06 2.56
CA ASN A 304 7.38 5.77 3.07
C ASN A 304 8.65 5.86 3.93
N PRO A 305 8.52 6.45 5.13
CA PRO A 305 9.61 6.71 6.08
C PRO A 305 10.56 5.53 6.26
N THR A 306 10.00 4.32 6.27
CA THR A 306 10.78 3.13 6.54
C THR A 306 11.69 2.71 5.39
N GLY A 307 11.36 3.17 4.19
CA GLY A 307 12.10 2.72 3.01
C GLY A 307 12.00 1.23 2.76
N ILE A 308 10.92 0.61 3.26
CA ILE A 308 10.67 -0.80 2.98
C ILE A 308 10.04 -0.98 1.61
N ILE A 309 10.53 -1.98 0.87
CA ILE A 309 10.03 -2.29 -0.45
C ILE A 309 9.04 -3.44 -0.35
N SER A 310 7.75 -3.15 -0.48
CA SER A 310 6.75 -4.22 -0.40
C SER A 310 7.11 -5.37 -1.33
N ILE A 311 6.69 -6.58 -0.97
CA ILE A 311 6.97 -7.76 -1.78
C ILE A 311 6.33 -7.62 -3.15
N GLY A 312 5.20 -6.93 -3.20
CA GLY A 312 4.62 -6.49 -4.44
C GLY A 312 3.67 -7.44 -5.11
N PRO A 313 2.55 -6.88 -5.62
CA PRO A 313 1.51 -7.68 -6.26
C PRO A 313 2.10 -8.66 -7.25
N TRP A 314 1.66 -9.91 -7.15
CA TRP A 314 2.12 -10.96 -8.06
C TRP A 314 1.58 -10.69 -9.46
N GLN A 315 2.41 -10.93 -10.46
CA GLN A 315 2.04 -10.76 -11.86
C GLN A 315 2.99 -11.57 -12.73
N ASP A 316 2.75 -11.55 -14.03
CA ASP A 316 3.51 -12.36 -14.98
C ASP A 316 3.27 -11.87 -16.40
N LEU A 317 4.21 -11.09 -16.93
CA LEU A 317 4.00 -10.37 -18.18
C LEU A 317 4.42 -11.21 -19.36
N ASP A 318 4.84 -12.43 -19.09
CA ASP A 318 5.32 -13.30 -20.14
C ASP A 318 4.24 -14.12 -20.83
N GLU A 319 3.15 -14.39 -20.12
CA GLU A 319 2.06 -15.18 -20.70
C GLU A 319 1.51 -14.54 -21.97
N PRO A 320 1.25 -15.35 -23.00
CA PRO A 320 0.70 -14.87 -24.28
C PRO A 320 -0.59 -14.08 -24.08
N HIS A 321 -0.90 -13.18 -25.01
CA HIS A 321 -1.99 -12.22 -24.80
C HIS A 321 -3.14 -12.32 -25.81
N GLY A 322 -2.85 -12.83 -27.00
CA GLY A 322 -3.89 -13.05 -27.99
C GLY A 322 -4.38 -11.83 -28.75
N ARG A 323 -4.03 -10.65 -28.24
CA ARG A 323 -4.52 -9.41 -28.83
C ARG A 323 -4.14 -9.21 -30.30
N ASP A 324 -3.11 -9.92 -30.75
CA ASP A 324 -2.68 -9.81 -32.16
C ASP A 324 -3.67 -10.51 -33.09
N VAL A 325 -4.41 -11.46 -32.52
CA VAL A 325 -5.43 -12.20 -33.25
C VAL A 325 -6.86 -11.73 -32.92
N ARG A 326 -7.14 -11.49 -31.64
CA ARG A 326 -8.50 -11.14 -31.23
C ARG A 326 -9.10 -10.01 -32.05
N PHE A 327 -8.28 -9.03 -32.41
CA PHE A 327 -8.68 -8.01 -33.35
C PHE A 327 -7.83 -8.17 -34.62
N GLY A 328 -8.46 -7.93 -35.76
CA GLY A 328 -9.85 -7.51 -35.78
C GLY A 328 -10.67 -8.33 -36.75
N GLN B 3 1.93 3.86 26.19
CA GLN B 3 2.22 3.04 27.37
C GLN B 3 2.01 3.78 28.69
N LEU B 4 1.92 3.01 29.78
CA LEU B 4 1.55 3.53 31.09
C LEU B 4 2.54 2.99 32.14
N ILE B 5 3.46 3.85 32.58
CA ILE B 5 4.49 3.44 33.54
C ILE B 5 4.15 3.82 34.99
N ASP B 6 4.30 2.86 35.89
CA ASP B 6 3.94 3.01 37.31
C ASP B 6 2.96 4.15 37.58
N GLY B 7 1.73 4.02 37.06
CA GLY B 7 0.67 4.94 37.39
C GLY B 7 0.55 6.19 36.54
N VAL B 8 1.56 6.47 35.72
CA VAL B 8 1.54 7.66 34.88
C VAL B 8 1.66 7.32 33.38
N TRP B 9 0.97 8.09 32.54
CA TRP B 9 1.01 7.89 31.09
C TRP B 9 2.29 8.43 30.48
N HIS B 10 2.59 8.01 29.25
CA HIS B 10 3.78 8.45 28.53
C HIS B 10 3.57 8.38 27.01
N ASP B 11 3.27 9.53 26.41
CA ASP B 11 2.92 9.61 24.98
C ASP B 11 3.96 8.95 24.07
N THR B 12 3.84 7.63 23.91
CA THR B 12 4.83 6.83 23.18
C THR B 12 6.23 7.06 23.75
N TRP B 13 6.28 7.71 24.90
CA TRP B 13 7.53 7.92 25.65
C TRP B 13 7.76 6.67 26.53
N TYR B 14 7.87 5.52 25.88
CA TYR B 14 8.07 4.25 26.59
C TYR B 14 9.37 3.50 26.24
N ASP B 15 10.49 3.85 26.88
CA ASP B 15 10.58 4.97 27.84
C ASP B 15 11.93 5.68 27.62
N THR B 16 12.77 5.69 28.65
CA THR B 16 14.15 6.14 28.49
C THR B 16 15.05 4.92 28.26
N LYS B 17 14.61 3.77 28.80
CA LYS B 17 15.13 2.46 28.42
C LYS B 17 14.53 1.32 29.26
N SER B 18 15.34 0.66 30.10
CA SER B 18 14.87 -0.48 30.86
C SER B 18 15.34 -0.53 32.33
N THR B 19 16.40 -1.32 32.58
CA THR B 19 16.92 -1.57 33.93
C THR B 19 15.90 -2.23 34.87
N GLY B 20 15.58 -3.49 34.59
CA GLY B 20 14.69 -4.28 35.43
C GLY B 20 13.24 -3.82 35.41
N GLY B 21 12.42 -4.46 34.58
CA GLY B 21 12.85 -5.56 33.74
C GLY B 21 11.65 -6.25 33.11
N LYS B 22 11.28 -5.81 31.91
CA LYS B 22 10.03 -6.21 31.26
C LYS B 22 8.82 -5.65 32.00
N PHE B 23 7.82 -5.20 31.22
CA PHE B 23 6.75 -4.33 31.74
C PHE B 23 5.36 -4.98 31.81
N GLN B 24 4.95 -5.46 32.99
CA GLN B 24 5.77 -5.53 34.21
C GLN B 24 5.19 -6.58 35.17
N ARG B 25 5.10 -6.25 36.45
CA ARG B 25 4.61 -7.20 37.46
C ARG B 25 3.09 -7.16 37.61
N SER B 26 2.44 -6.35 36.78
CA SER B 26 0.99 -6.18 36.84
C SER B 26 0.35 -5.93 35.47
N ALA B 27 1.13 -6.15 34.41
CA ALA B 27 0.67 -5.91 33.03
C ALA B 27 -0.26 -7.02 32.50
N SER B 28 0.06 -8.27 32.84
CA SER B 28 -0.89 -9.35 32.67
C SER B 28 -1.32 -9.86 34.06
N ALA B 29 -1.66 -8.91 34.93
CA ALA B 29 -2.24 -9.19 36.23
C ALA B 29 -3.74 -9.26 36.06
N PHE B 30 -4.18 -9.08 34.81
CA PHE B 30 -5.58 -9.19 34.43
C PHE B 30 -5.80 -10.45 33.61
N ARG B 31 -5.69 -11.59 34.29
CA ARG B 31 -5.87 -12.89 33.69
C ARG B 31 -6.76 -13.72 34.61
N ASN B 32 -7.83 -13.09 35.08
CA ASN B 32 -8.84 -13.80 35.84
C ASN B 32 -9.87 -14.40 34.89
N TRP B 33 -10.73 -15.26 35.42
CA TRP B 33 -11.78 -15.88 34.62
C TRP B 33 -13.17 -15.64 35.20
N LEU B 34 -14.11 -15.29 34.31
CA LEU B 34 -15.54 -15.43 34.58
C LEU B 34 -15.81 -16.92 34.65
N THR B 35 -16.44 -17.38 35.72
CA THR B 35 -16.84 -18.78 35.81
C THR B 35 -18.29 -18.89 36.23
N ALA B 36 -18.87 -20.08 36.09
CA ALA B 36 -20.26 -20.29 36.47
C ALA B 36 -20.45 -20.35 37.99
N ASP B 37 -19.47 -20.87 38.71
CA ASP B 37 -19.61 -21.02 40.16
C ASP B 37 -18.98 -19.86 40.97
N GLY B 38 -18.05 -19.14 40.36
CA GLY B 38 -17.37 -18.07 41.06
C GLY B 38 -15.96 -18.48 41.46
N ALA B 39 -15.65 -19.75 41.26
CA ALA B 39 -14.31 -20.25 41.50
C ALA B 39 -13.33 -19.46 40.66
N PRO B 40 -12.08 -19.35 41.12
CA PRO B 40 -11.06 -18.78 40.25
C PRO B 40 -10.81 -19.70 39.06
N GLY B 41 -10.49 -19.13 37.91
CA GLY B 41 -10.12 -19.92 36.74
C GLY B 41 -8.72 -20.49 36.87
N PRO B 42 -8.18 -21.02 35.77
CA PRO B 42 -6.85 -21.64 35.76
C PRO B 42 -5.73 -20.65 36.13
N THR B 43 -5.96 -19.36 35.93
CA THR B 43 -5.06 -18.31 36.45
C THR B 43 -5.90 -17.26 37.16
N GLY B 44 -5.24 -16.29 37.79
CA GLY B 44 -5.94 -15.21 38.48
C GLY B 44 -6.78 -15.70 39.65
N THR B 45 -7.67 -14.84 40.14
CA THR B 45 -8.48 -15.15 41.31
C THR B 45 -9.99 -15.17 41.03
N GLY B 46 -10.72 -15.93 41.83
CA GLY B 46 -12.18 -15.82 41.87
C GLY B 46 -12.44 -14.42 42.40
N GLY B 47 -13.69 -14.07 42.67
CA GLY B 47 -14.85 -14.87 42.34
C GLY B 47 -15.71 -13.99 41.45
N PHE B 48 -15.41 -14.02 40.16
CA PHE B 48 -16.23 -13.35 39.16
C PHE B 48 -17.23 -14.38 38.63
N ILE B 49 -18.41 -14.40 39.21
CA ILE B 49 -19.42 -15.38 38.83
C ILE B 49 -20.26 -14.85 37.68
N ALA B 50 -20.63 -15.76 36.77
CA ALA B 50 -21.47 -15.38 35.65
C ALA B 50 -22.83 -14.88 36.15
N GLU B 51 -23.21 -13.67 35.74
CA GLU B 51 -24.52 -13.13 36.07
C GLU B 51 -24.85 -11.93 35.19
N LYS B 52 -26.11 -11.53 35.16
CA LYS B 52 -26.51 -10.37 34.37
C LYS B 52 -26.08 -9.03 34.99
N ASP B 53 -26.17 -7.97 34.20
CA ASP B 53 -25.91 -6.58 34.65
C ASP B 53 -24.66 -6.39 35.51
N ARG B 54 -23.65 -7.22 35.32
CA ARG B 54 -22.42 -7.07 36.08
C ARG B 54 -21.19 -6.81 35.22
N TYR B 55 -21.10 -7.50 34.08
CA TYR B 55 -19.89 -7.40 33.26
C TYR B 55 -20.06 -6.53 32.01
N HIS B 56 -18.95 -5.94 31.58
CA HIS B 56 -18.97 -4.91 30.55
C HIS B 56 -17.76 -5.06 29.65
N LEU B 57 -17.91 -4.70 28.38
CA LEU B 57 -16.81 -4.83 27.44
C LEU B 57 -16.33 -3.47 26.94
N TYR B 58 -15.05 -3.20 27.10
CA TYR B 58 -14.43 -2.05 26.45
C TYR B 58 -13.69 -2.56 25.21
N VAL B 59 -14.15 -2.15 24.04
CA VAL B 59 -13.52 -2.57 22.80
C VAL B 59 -13.29 -1.39 21.86
N SER B 60 -12.41 -1.60 20.87
CA SER B 60 -12.44 -0.80 19.66
C SER B 60 -12.95 -1.70 18.55
N LEU B 61 -13.83 -1.17 17.71
CA LEU B 61 -14.30 -1.91 16.55
C LEU B 61 -13.18 -2.16 15.53
N ALA B 62 -12.05 -1.49 15.70
CA ALA B 62 -10.95 -1.59 14.75
C ALA B 62 -9.98 -2.73 15.08
N CYS B 63 -10.00 -3.20 16.33
CA CYS B 63 -9.06 -4.22 16.79
C CYS B 63 -9.54 -5.64 16.50
N PRO B 64 -8.70 -6.44 15.82
CA PRO B 64 -9.05 -7.84 15.52
C PRO B 64 -9.11 -8.71 16.77
N TRP B 65 -8.42 -8.31 17.83
CA TRP B 65 -8.46 -9.04 19.09
C TRP B 65 -9.74 -8.74 19.86
N ALA B 66 -10.10 -7.47 19.95
CA ALA B 66 -11.35 -7.12 20.58
C ALA B 66 -12.53 -7.68 19.77
N HIS B 67 -12.35 -7.74 18.45
CA HIS B 67 -13.42 -8.20 17.56
C HIS B 67 -13.86 -9.61 17.91
N ARG B 68 -12.91 -10.46 18.29
CA ARG B 68 -13.19 -11.83 18.71
C ARG B 68 -14.29 -11.87 19.76
N THR B 69 -14.17 -11.00 20.74
CA THR B 69 -15.09 -11.03 21.87
C THR B 69 -16.48 -10.59 21.41
N LEU B 70 -16.54 -9.64 20.48
CA LEU B 70 -17.84 -9.19 19.96
C LEU B 70 -18.53 -10.32 19.19
N ILE B 71 -17.75 -11.08 18.42
CA ILE B 71 -18.28 -12.18 17.64
C ILE B 71 -18.83 -13.25 18.59
N MET B 72 -18.05 -13.62 19.59
CA MET B 72 -18.50 -14.62 20.56
C MET B 72 -19.70 -14.11 21.34
N ARG B 73 -19.70 -12.82 21.65
CA ARG B 73 -20.87 -12.22 22.29
C ARG B 73 -22.12 -12.45 21.44
N LYS B 74 -22.01 -12.34 20.12
CA LYS B 74 -23.19 -12.55 19.27
C LYS B 74 -23.58 -14.03 19.14
N LEU B 75 -22.62 -14.88 18.79
CA LEU B 75 -22.89 -16.30 18.62
C LEU B 75 -23.51 -16.95 19.86
N LYS B 76 -23.09 -16.52 21.04
CA LYS B 76 -23.56 -17.10 22.30
C LYS B 76 -24.76 -16.34 22.89
N GLY B 77 -25.25 -15.33 22.18
CA GLY B 77 -26.43 -14.60 22.61
C GLY B 77 -26.21 -13.92 23.94
N LEU B 78 -25.04 -13.30 24.10
CA LEU B 78 -24.71 -12.69 25.38
C LEU B 78 -25.05 -11.21 25.46
N GLU B 79 -25.70 -10.67 24.43
CA GLU B 79 -26.05 -9.25 24.43
C GLU B 79 -26.86 -8.84 25.66
N PRO B 80 -27.79 -9.71 26.10
CA PRO B 80 -28.57 -9.32 27.27
C PRO B 80 -27.79 -9.47 28.58
N PHE B 81 -26.55 -9.96 28.51
CA PHE B 81 -25.73 -10.13 29.72
C PHE B 81 -24.56 -9.17 29.76
N ILE B 82 -24.15 -8.72 28.58
CA ILE B 82 -22.89 -8.00 28.47
C ILE B 82 -23.01 -6.71 27.65
N SER B 83 -22.88 -5.59 28.34
CA SER B 83 -22.95 -4.28 27.71
C SER B 83 -21.58 -3.97 27.12
N VAL B 84 -21.54 -2.96 26.24
CA VAL B 84 -20.35 -2.68 25.43
C VAL B 84 -20.05 -1.19 25.30
N SER B 85 -18.80 -0.83 25.48
CA SER B 85 -18.33 0.52 25.18
C SER B 85 -17.30 0.50 24.06
N VAL B 86 -17.40 1.46 23.15
CA VAL B 86 -16.55 1.51 21.97
C VAL B 86 -15.67 2.74 21.95
N VAL B 87 -14.38 2.55 22.18
CA VAL B 87 -13.42 3.63 22.14
C VAL B 87 -13.30 4.23 20.74
N ASN B 88 -12.79 5.46 20.67
CA ASN B 88 -12.59 6.14 19.40
C ASN B 88 -11.53 5.42 18.58
N PRO B 89 -11.73 5.35 17.25
CA PRO B 89 -10.80 4.68 16.33
C PRO B 89 -9.41 5.31 16.30
N LEU B 90 -9.33 6.64 16.41
CA LEU B 90 -8.03 7.34 16.35
C LEU B 90 -7.25 7.17 17.65
N MET B 91 -6.31 6.23 17.63
CA MET B 91 -5.49 5.93 18.78
C MET B 91 -4.25 6.81 18.74
N LEU B 92 -4.39 8.03 19.23
CA LEU B 92 -3.32 9.01 19.10
C LEU B 92 -2.35 9.04 20.29
N GLU B 93 -1.96 10.23 20.72
CA GLU B 93 -0.89 10.38 21.71
C GLU B 93 -1.30 9.93 23.10
N ASN B 94 -2.60 9.86 23.34
CA ASN B 94 -3.13 9.41 24.62
C ASN B 94 -3.50 7.92 24.64
N GLY B 95 -3.34 7.24 23.51
CA GLY B 95 -3.77 5.87 23.39
C GLY B 95 -5.27 5.82 23.19
N TRP B 96 -5.88 4.67 23.48
CA TRP B 96 -7.33 4.55 23.29
C TRP B 96 -8.06 5.64 24.05
N THR B 97 -9.00 6.26 23.36
CA THR B 97 -9.65 7.46 23.82
C THR B 97 -11.15 7.25 23.83
N PHE B 98 -11.85 7.92 24.74
CA PHE B 98 -13.30 7.82 24.80
C PHE B 98 -13.98 8.97 24.09
N ASP B 99 -13.26 9.58 23.15
CA ASP B 99 -13.83 10.63 22.33
C ASP B 99 -14.94 10.03 21.49
N ASP B 100 -16.19 10.32 21.84
CA ASP B 100 -17.30 9.90 20.99
C ASP B 100 -17.26 10.77 19.74
N SER B 101 -18.41 11.05 19.13
CA SER B 101 -18.46 11.95 17.96
C SER B 101 -18.17 11.24 16.63
N PHE B 102 -17.15 10.38 16.61
CA PHE B 102 -16.98 9.43 15.51
C PHE B 102 -18.12 8.42 15.60
N PRO B 103 -18.91 8.27 14.51
CA PRO B 103 -20.11 7.40 14.54
C PRO B 103 -19.80 5.97 14.94
N GLY B 104 -20.49 5.47 15.95
CA GLY B 104 -20.24 4.15 16.49
C GLY B 104 -19.31 4.17 17.69
N ALA B 105 -18.76 5.35 18.00
CA ALA B 105 -17.98 5.55 19.21
C ALA B 105 -18.96 5.99 20.28
N THR B 106 -18.88 5.35 21.45
CA THR B 106 -19.92 5.52 22.47
C THR B 106 -19.48 6.39 23.62
N GLY B 107 -18.18 6.55 23.78
CA GLY B 107 -17.61 7.11 24.99
C GLY B 107 -17.71 6.06 26.09
N ASP B 108 -16.97 6.27 27.17
CA ASP B 108 -17.08 5.41 28.34
C ASP B 108 -18.52 5.47 28.88
N THR B 109 -19.36 4.57 28.40
CA THR B 109 -20.78 4.61 28.71
C THR B 109 -21.11 4.19 30.14
N LEU B 110 -20.09 3.78 30.90
CA LEU B 110 -20.28 3.47 32.33
C LEU B 110 -19.92 4.64 33.24
N TYR B 111 -18.63 4.98 33.27
CA TYR B 111 -18.09 5.97 34.18
C TYR B 111 -17.71 7.31 33.53
N GLN B 112 -17.95 7.43 32.23
CA GLN B 112 -17.67 8.66 31.49
C GLN B 112 -16.21 9.15 31.55
N ASN B 113 -15.26 8.25 31.76
CA ASN B 113 -13.85 8.60 31.69
C ASN B 113 -13.50 9.26 30.36
N GLU B 114 -12.25 9.63 30.20
CA GLU B 114 -11.82 10.33 29.00
C GLU B 114 -10.79 9.50 28.24
N PHE B 115 -10.14 8.57 28.94
CA PHE B 115 -9.08 7.75 28.34
C PHE B 115 -9.10 6.31 28.87
N LEU B 116 -8.85 5.35 27.99
CA LEU B 116 -8.88 3.94 28.39
C LEU B 116 -7.90 3.68 29.53
N TYR B 117 -6.80 4.42 29.57
CA TYR B 117 -5.80 4.16 30.61
C TYR B 117 -6.33 4.50 32.01
N GLN B 118 -7.31 5.38 32.08
CA GLN B 118 -7.93 5.73 33.36
C GLN B 118 -8.56 4.54 34.09
N LEU B 119 -9.22 3.67 33.33
CA LEU B 119 -9.84 2.48 33.91
C LEU B 119 -8.81 1.46 34.37
N TYR B 120 -7.68 1.43 33.69
CA TYR B 120 -6.59 0.57 34.11
C TYR B 120 -6.09 1.00 35.48
N LEU B 121 -6.07 2.31 35.72
CA LEU B 121 -5.61 2.87 36.99
C LEU B 121 -6.63 2.61 38.09
N HIS B 122 -7.90 2.82 37.76
CA HIS B 122 -9.02 2.60 38.67
C HIS B 122 -9.05 1.15 39.17
N ALA B 123 -8.17 0.32 38.63
CA ALA B 123 -8.10 -1.08 39.01
C ALA B 123 -6.74 -1.38 39.63
N ASP B 124 -5.75 -0.57 39.25
CA ASP B 124 -4.40 -0.68 39.80
C ASP B 124 -3.64 0.62 39.53
N PRO B 125 -3.74 1.58 40.45
CA PRO B 125 -3.09 2.89 40.26
C PRO B 125 -1.57 2.82 40.17
N HIS B 126 -0.98 1.71 40.60
CA HIS B 126 0.46 1.49 40.47
C HIS B 126 0.77 0.64 39.25
N TYR B 127 -0.13 0.66 38.27
CA TYR B 127 -0.07 -0.23 37.12
C TYR B 127 1.04 0.14 36.13
N SER B 128 1.84 -0.86 35.76
CA SER B 128 2.89 -0.68 34.75
C SER B 128 2.64 -1.63 33.58
N GLY B 129 2.47 -1.09 32.38
CA GLY B 129 2.28 -1.92 31.20
C GLY B 129 1.42 -1.28 30.12
N ARG B 130 1.12 -2.04 29.08
CA ARG B 130 0.35 -1.53 27.94
C ARG B 130 -1.13 -1.37 28.25
N VAL B 131 -1.77 -0.39 27.59
CA VAL B 131 -3.20 -0.14 27.75
C VAL B 131 -3.99 -0.62 26.53
N THR B 132 -4.43 -1.88 26.55
CA THR B 132 -5.01 -2.54 25.39
C THR B 132 -6.52 -2.79 25.45
N VAL B 133 -7.15 -2.88 24.28
CA VAL B 133 -8.49 -3.49 24.14
C VAL B 133 -8.28 -4.92 23.64
N PRO B 134 -9.21 -5.83 23.95
CA PRO B 134 -10.45 -5.65 24.72
C PRO B 134 -10.20 -5.69 26.22
N VAL B 135 -11.14 -5.11 26.96
CA VAL B 135 -11.13 -5.18 28.43
C VAL B 135 -12.46 -5.73 28.93
N LEU B 136 -12.41 -6.85 29.64
CA LEU B 136 -13.59 -7.38 30.31
C LEU B 136 -13.65 -6.82 31.73
N TRP B 137 -14.68 -6.03 32.01
CA TRP B 137 -14.73 -5.21 33.21
C TRP B 137 -15.86 -5.61 34.17
N ASP B 138 -15.51 -5.73 35.46
CA ASP B 138 -16.46 -6.02 36.53
C ASP B 138 -17.09 -4.74 37.06
N LYS B 139 -18.36 -4.48 36.75
CA LYS B 139 -19.03 -3.25 37.16
C LYS B 139 -19.27 -3.19 38.68
N LYS B 140 -19.23 -4.36 39.32
CA LYS B 140 -19.56 -4.47 40.73
C LYS B 140 -18.34 -4.31 41.65
N ASN B 141 -17.17 -4.78 41.21
CA ASN B 141 -15.92 -4.57 41.94
C ASN B 141 -15.06 -3.46 41.35
N HIS B 142 -15.57 -2.77 40.34
CA HIS B 142 -14.80 -1.77 39.61
C HIS B 142 -13.36 -2.22 39.42
N THR B 143 -13.18 -3.33 38.71
CA THR B 143 -11.86 -3.89 38.43
C THR B 143 -11.88 -4.63 37.09
N ILE B 144 -10.70 -4.97 36.59
CA ILE B 144 -10.58 -5.70 35.33
C ILE B 144 -10.53 -7.20 35.56
N VAL B 145 -11.50 -7.91 34.98
CA VAL B 145 -11.50 -9.36 35.02
C VAL B 145 -10.37 -9.88 34.15
N SER B 146 -10.34 -9.43 32.90
CA SER B 146 -9.39 -9.93 31.93
C SER B 146 -9.23 -8.98 30.77
N ASN B 147 -8.00 -8.84 30.28
CA ASN B 147 -7.76 -8.10 29.04
C ASN B 147 -7.04 -8.97 27.99
N GLU B 148 -7.21 -10.28 28.14
CA GLU B 148 -6.71 -11.29 27.20
C GLU B 148 -7.84 -11.91 26.36
N SER B 149 -7.93 -11.53 25.09
CA SER B 149 -9.07 -11.95 24.26
C SER B 149 -9.16 -13.46 24.05
N ALA B 150 -8.02 -14.15 23.98
CA ALA B 150 -8.05 -15.59 23.75
C ALA B 150 -8.79 -16.32 24.86
N GLU B 151 -8.75 -15.73 26.06
CA GLU B 151 -9.39 -16.33 27.21
C GLU B 151 -10.81 -15.77 27.41
N ILE B 152 -11.01 -14.49 27.14
CA ILE B 152 -12.36 -13.94 27.22
C ILE B 152 -13.34 -14.76 26.39
N ILE B 153 -12.98 -15.08 25.15
CA ILE B 153 -13.90 -15.85 24.30
C ILE B 153 -14.16 -17.28 24.82
N ARG B 154 -13.26 -17.81 25.65
CA ARG B 154 -13.51 -19.11 26.29
C ARG B 154 -14.47 -19.01 27.47
N MET B 155 -14.36 -17.94 28.24
CA MET B 155 -15.34 -17.66 29.27
C MET B 155 -16.73 -17.58 28.66
N PHE B 156 -16.87 -16.75 27.63
CA PHE B 156 -18.15 -16.53 26.96
C PHE B 156 -18.72 -17.83 26.44
N ASN B 157 -17.83 -18.79 26.20
CA ASN B 157 -18.20 -20.04 25.57
C ASN B 157 -19.08 -20.94 26.46
N THR B 158 -18.87 -20.91 27.77
CA THR B 158 -19.62 -21.80 28.68
C THR B 158 -20.21 -21.14 29.94
N ALA B 159 -19.55 -20.12 30.46
CA ALA B 159 -19.91 -19.55 31.76
C ALA B 159 -21.36 -19.06 31.88
N PHE B 160 -22.00 -18.76 30.76
CA PHE B 160 -23.38 -18.27 30.81
C PHE B 160 -24.43 -19.29 30.36
N ASP B 161 -24.02 -20.53 30.14
CA ASP B 161 -24.95 -21.52 29.59
C ASP B 161 -26.18 -21.74 30.49
N ALA B 162 -25.97 -21.89 31.79
CA ALA B 162 -27.07 -22.17 32.71
C ALA B 162 -28.01 -20.98 32.82
N LEU B 163 -27.51 -19.78 32.53
CA LEU B 163 -28.30 -18.56 32.61
C LEU B 163 -29.05 -18.23 31.31
N GLY B 164 -28.84 -19.04 30.28
CA GLY B 164 -29.62 -18.92 29.06
C GLY B 164 -28.86 -18.51 27.81
N ALA B 165 -27.55 -18.63 27.82
CA ALA B 165 -26.76 -18.41 26.61
C ALA B 165 -27.25 -19.27 25.44
N LYS B 166 -27.05 -18.81 24.20
CA LYS B 166 -27.36 -19.64 23.04
C LYS B 166 -26.48 -20.89 23.00
N ALA B 167 -26.99 -21.95 22.39
CA ALA B 167 -26.22 -23.19 22.30
C ALA B 167 -25.04 -23.02 21.36
N GLY B 168 -23.93 -23.66 21.73
CA GLY B 168 -22.71 -23.61 20.96
C GLY B 168 -21.49 -23.80 21.84
N ASP B 169 -20.58 -24.67 21.38
CA ASP B 169 -19.31 -24.85 22.06
C ASP B 169 -18.20 -24.72 21.03
N TYR B 170 -17.40 -23.65 21.16
CA TYR B 170 -16.40 -23.31 20.15
C TYR B 170 -15.03 -23.79 20.56
N TYR B 171 -14.99 -24.52 21.66
CA TYR B 171 -13.77 -25.16 22.15
C TYR B 171 -14.10 -26.54 22.71
N PRO B 172 -14.72 -27.38 21.87
CA PRO B 172 -15.21 -28.71 22.27
C PRO B 172 -14.04 -29.60 22.66
N PRO B 173 -14.19 -30.36 23.75
CA PRO B 173 -13.06 -31.15 24.25
C PRO B 173 -12.41 -32.04 23.18
N ALA B 174 -13.19 -32.62 22.27
CA ALA B 174 -12.62 -33.43 21.19
C ALA B 174 -11.61 -32.67 20.31
N LEU B 175 -11.99 -31.48 19.85
CA LEU B 175 -11.16 -30.67 18.96
C LEU B 175 -10.07 -29.84 19.63
N GLN B 176 -10.06 -29.80 20.97
CA GLN B 176 -9.15 -28.88 21.66
C GLN B 176 -7.67 -28.93 21.24
N THR B 177 -7.10 -30.12 21.05
CA THR B 177 -5.69 -30.14 20.68
C THR B 177 -5.46 -29.62 19.25
N LYS B 178 -6.37 -29.96 18.34
CA LYS B 178 -6.27 -29.42 16.98
C LYS B 178 -6.36 -27.90 17.02
N ILE B 179 -7.27 -27.38 17.84
CA ILE B 179 -7.50 -25.94 17.94
C ILE B 179 -6.30 -25.21 18.54
N ASP B 180 -5.77 -25.72 19.64
CA ASP B 180 -4.59 -25.09 20.25
C ASP B 180 -3.45 -25.05 19.24
N GLU B 181 -3.37 -26.08 18.41
CA GLU B 181 -2.29 -26.18 17.43
C GLU B 181 -2.44 -25.14 16.32
N LEU B 182 -3.59 -25.14 15.65
CA LEU B 182 -3.96 -24.07 14.71
C LEU B 182 -3.73 -22.68 15.32
N ASN B 183 -4.30 -22.43 16.50
CA ASN B 183 -4.13 -21.15 17.17
C ASN B 183 -2.67 -20.75 17.28
N GLY B 184 -1.81 -21.73 17.51
CA GLY B 184 -0.39 -21.46 17.69
C GLY B 184 0.25 -20.80 16.50
N TRP B 185 0.22 -21.46 15.34
CA TRP B 185 0.85 -20.91 14.15
C TRP B 185 0.03 -19.83 13.45
N ILE B 186 -1.29 -19.89 13.55
CA ILE B 186 -2.10 -18.82 12.99
C ILE B 186 -1.84 -17.50 13.71
N TYR B 187 -1.53 -17.57 15.00
CA TYR B 187 -1.20 -16.33 15.71
C TYR B 187 0.16 -15.81 15.28
N ASP B 188 1.17 -16.69 15.30
CA ASP B 188 2.53 -16.27 14.98
C ASP B 188 2.70 -15.84 13.52
N THR B 189 2.07 -16.55 12.59
CA THR B 189 2.31 -16.25 11.19
C THR B 189 1.26 -15.38 10.50
N VAL B 190 0.08 -15.22 11.11
CA VAL B 190 -0.98 -14.45 10.47
C VAL B 190 -1.56 -13.32 11.33
N ASN B 191 -2.19 -13.67 12.46
CA ASN B 191 -2.75 -12.67 13.37
C ASN B 191 -1.70 -11.63 13.73
N ASN B 192 -0.56 -12.12 14.20
CA ASN B 192 0.53 -11.26 14.62
C ASN B 192 1.50 -11.08 13.47
N GLY B 193 1.47 -12.04 12.54
CA GLY B 193 2.28 -11.97 11.33
C GLY B 193 2.18 -10.67 10.55
N VAL B 194 0.96 -10.17 10.32
CA VAL B 194 0.82 -8.95 9.54
C VAL B 194 1.40 -7.72 10.26
N TYR B 195 1.42 -7.75 11.59
CA TYR B 195 2.06 -6.66 12.34
C TYR B 195 3.59 -6.76 12.24
N LYS B 196 4.13 -7.97 12.34
CA LYS B 196 5.57 -8.15 12.24
C LYS B 196 6.05 -7.63 10.89
N ALA B 197 5.16 -7.68 9.89
CA ALA B 197 5.51 -7.22 8.55
C ALA B 197 5.34 -5.71 8.44
N GLY B 198 4.17 -5.23 8.84
CA GLY B 198 3.83 -3.82 8.71
C GLY B 198 4.66 -2.89 9.57
N PHE B 199 5.18 -3.43 10.67
CA PHE B 199 5.98 -2.66 11.61
C PHE B 199 7.42 -3.09 11.57
N ALA B 200 7.76 -3.91 10.58
CA ALA B 200 9.12 -4.43 10.47
C ALA B 200 10.14 -3.30 10.52
N THR B 201 11.28 -3.58 11.16
CA THR B 201 12.31 -2.57 11.38
C THR B 201 13.25 -2.43 10.18
N SER B 202 13.56 -3.56 9.55
CA SER B 202 14.48 -3.60 8.42
C SER B 202 13.85 -4.32 7.23
N GLN B 203 14.44 -4.15 6.06
CA GLN B 203 13.98 -4.87 4.88
C GLN B 203 14.06 -6.38 5.11
N GLU B 204 15.09 -6.84 5.80
CA GLU B 204 15.27 -8.26 6.06
C GLU B 204 14.15 -8.82 6.95
N ALA B 205 13.82 -8.08 8.00
CA ALA B 205 12.71 -8.43 8.89
C ALA B 205 11.41 -8.53 8.10
N TYR B 206 11.10 -7.47 7.36
CA TYR B 206 9.86 -7.46 6.58
C TYR B 206 9.77 -8.66 5.64
N ASP B 207 10.84 -8.93 4.90
CA ASP B 207 10.82 -10.03 3.94
C ASP B 207 10.50 -11.37 4.58
N GLU B 208 11.02 -11.58 5.79
CA GLU B 208 10.82 -12.85 6.48
C GLU B 208 9.38 -12.96 7.00
N ALA B 209 8.87 -11.87 7.58
CA ALA B 209 7.52 -11.83 8.12
C ALA B 209 6.44 -12.01 7.04
N VAL B 210 6.59 -11.28 5.94
CA VAL B 210 5.58 -11.28 4.88
C VAL B 210 5.58 -12.60 4.13
N ALA B 211 6.74 -13.26 4.08
CA ALA B 211 6.78 -14.57 3.44
C ALA B 211 6.06 -15.59 4.30
N LYS B 212 6.29 -15.52 5.62
CA LYS B 212 5.57 -16.38 6.54
C LYS B 212 4.06 -16.20 6.35
N VAL B 213 3.63 -14.95 6.28
CA VAL B 213 2.21 -14.64 6.07
C VAL B 213 1.63 -15.35 4.88
N PHE B 214 2.29 -15.24 3.73
CA PHE B 214 1.75 -15.83 2.51
C PHE B 214 1.95 -17.32 2.42
N GLU B 215 2.92 -17.83 3.18
CA GLU B 215 3.15 -19.26 3.25
C GLU B 215 1.98 -19.88 3.98
N SER B 216 1.62 -19.28 5.11
CA SER B 216 0.49 -19.75 5.90
C SER B 216 -0.83 -19.61 5.16
N LEU B 217 -0.98 -18.54 4.39
CA LEU B 217 -2.21 -18.36 3.64
C LEU B 217 -2.38 -19.50 2.64
N ALA B 218 -1.28 -19.87 2.00
CA ALA B 218 -1.30 -20.99 1.08
C ALA B 218 -1.71 -22.26 1.83
N ARG B 219 -1.14 -22.47 3.02
CA ARG B 219 -1.53 -23.58 3.90
C ARG B 219 -3.02 -23.58 4.19
N LEU B 220 -3.54 -22.44 4.65
CA LEU B 220 -4.95 -22.35 5.03
C LEU B 220 -5.85 -22.56 3.82
N GLU B 221 -5.47 -21.97 2.68
CA GLU B 221 -6.22 -22.14 1.44
C GLU B 221 -6.35 -23.62 1.10
N GLN B 222 -5.31 -24.38 1.43
CA GLN B 222 -5.25 -25.81 1.20
C GLN B 222 -6.28 -26.52 2.10
N ILE B 223 -6.19 -26.24 3.40
CA ILE B 223 -7.06 -26.83 4.41
C ILE B 223 -8.56 -26.56 4.17
N LEU B 224 -8.89 -25.55 3.39
CA LEU B 224 -10.26 -25.02 3.37
C LEU B 224 -11.15 -25.17 2.11
N GLY B 225 -10.75 -25.91 1.08
CA GLY B 225 -9.71 -26.90 1.13
C GLY B 225 -10.43 -28.22 1.23
N GLN B 226 -10.12 -28.97 2.29
CA GLN B 226 -10.65 -30.29 2.50
C GLN B 226 -12.03 -30.28 3.17
N HIS B 227 -12.34 -29.21 3.91
CA HIS B 227 -13.60 -29.12 4.63
C HIS B 227 -14.02 -27.67 4.90
N ARG B 228 -15.23 -27.48 5.43
CA ARG B 228 -15.79 -26.13 5.56
C ARG B 228 -15.04 -25.18 6.49
N TYR B 229 -14.50 -25.70 7.59
CA TYR B 229 -13.75 -24.86 8.51
C TYR B 229 -12.40 -25.49 8.80
N LEU B 230 -11.65 -24.86 9.70
CA LEU B 230 -10.28 -25.27 9.97
C LEU B 230 -10.15 -26.71 10.48
N THR B 231 -10.98 -27.11 11.44
CA THR B 231 -10.88 -28.46 12.00
C THR B 231 -11.77 -29.47 11.31
N GLY B 232 -12.70 -28.99 10.48
CA GLY B 232 -13.61 -29.87 9.77
C GLY B 232 -14.92 -29.17 9.44
N ASN B 233 -16.04 -29.80 9.78
CA ASN B 233 -17.36 -29.27 9.46
C ASN B 233 -17.92 -28.41 10.60
N GLN B 234 -17.14 -28.27 11.66
CA GLN B 234 -17.55 -27.53 12.84
C GLN B 234 -16.83 -26.18 12.97
N LEU B 235 -17.59 -25.13 13.23
CA LEU B 235 -17.01 -23.83 13.54
C LEU B 235 -16.40 -23.82 14.94
N THR B 236 -15.12 -23.45 15.05
CA THR B 236 -14.45 -23.32 16.34
C THR B 236 -13.89 -21.92 16.54
N GLU B 237 -13.27 -21.69 17.69
CA GLU B 237 -12.67 -20.38 17.97
C GLU B 237 -11.41 -20.17 17.13
N ALA B 238 -10.83 -21.26 16.64
CA ALA B 238 -9.68 -21.14 15.74
C ALA B 238 -10.08 -20.42 14.46
N ASP B 239 -11.31 -20.66 13.98
CA ASP B 239 -11.82 -19.99 12.79
C ASP B 239 -12.09 -18.52 13.06
N ILE B 240 -12.73 -18.26 14.19
CA ILE B 240 -13.06 -16.90 14.58
C ILE B 240 -11.78 -16.08 14.71
N ARG B 241 -10.77 -16.66 15.34
CA ARG B 241 -9.49 -15.98 15.49
C ARG B 241 -8.77 -15.70 14.16
N LEU B 242 -9.01 -16.54 13.15
CA LEU B 242 -8.41 -16.34 11.83
C LEU B 242 -9.21 -15.30 11.08
N TRP B 243 -10.52 -15.38 11.22
CA TRP B 243 -11.43 -14.52 10.47
C TRP B 243 -11.26 -13.04 10.80
N THR B 244 -10.96 -12.71 12.05
CA THR B 244 -10.87 -11.29 12.42
C THR B 244 -9.69 -10.59 11.73
N THR B 245 -8.61 -11.33 11.51
CA THR B 245 -7.51 -10.84 10.70
C THR B 245 -7.92 -10.79 9.23
N LEU B 246 -8.55 -11.85 8.74
CA LEU B 246 -8.96 -11.95 7.34
C LEU B 246 -9.86 -10.78 6.90
N VAL B 247 -10.82 -10.40 7.73
CA VAL B 247 -11.78 -9.37 7.37
C VAL B 247 -11.08 -8.01 7.28
N ARG B 248 -9.89 -7.93 7.86
CA ARG B 248 -9.11 -6.69 7.84
C ARG B 248 -8.01 -6.69 6.79
N PHE B 249 -7.82 -7.83 6.15
CA PHE B 249 -6.67 -8.03 5.27
C PHE B 249 -6.72 -7.17 4.02
N ASP B 250 -7.76 -7.34 3.22
CA ASP B 250 -7.88 -6.55 1.99
C ASP B 250 -8.04 -5.04 2.24
N PRO B 251 -8.85 -4.65 3.25
CA PRO B 251 -9.06 -3.22 3.53
C PRO B 251 -7.90 -2.48 4.20
N VAL B 252 -6.97 -3.19 4.85
CA VAL B 252 -5.89 -2.52 5.56
C VAL B 252 -4.51 -3.17 5.34
N TYR B 253 -4.39 -4.46 5.65
CA TYR B 253 -3.09 -5.11 5.69
C TYR B 253 -2.40 -5.17 4.33
N VAL B 254 -3.16 -5.39 3.27
CA VAL B 254 -2.58 -5.46 1.93
C VAL B 254 -1.76 -4.22 1.59
N THR B 255 -2.35 -3.05 1.81
CA THR B 255 -1.70 -1.79 1.46
C THR B 255 -0.91 -1.21 2.63
N HIS B 256 -1.59 -0.99 3.75
CA HIS B 256 -1.00 -0.37 4.92
C HIS B 256 0.18 -1.15 5.53
N PHE B 257 0.06 -2.48 5.62
CA PHE B 257 1.14 -3.31 6.18
C PHE B 257 1.91 -3.99 5.06
N LYS B 258 1.75 -3.49 3.84
CA LYS B 258 2.50 -3.99 2.69
C LYS B 258 2.48 -5.53 2.52
N CYS B 259 1.39 -6.17 2.94
CA CYS B 259 1.19 -7.59 2.65
C CYS B 259 0.44 -7.72 1.34
N ASP B 260 1.12 -7.48 0.24
CA ASP B 260 0.44 -7.17 -1.01
C ASP B 260 0.74 -8.13 -2.16
N LYS B 261 1.19 -9.34 -1.84
CA LYS B 261 1.44 -10.34 -2.87
C LYS B 261 0.14 -10.85 -3.49
N HIS B 262 -0.83 -11.09 -2.63
CA HIS B 262 -2.15 -11.53 -3.07
C HIS B 262 -3.19 -10.87 -2.18
N ARG B 263 -4.42 -10.78 -2.67
CA ARG B 263 -5.53 -10.30 -1.86
C ARG B 263 -6.33 -11.52 -1.42
N ILE B 264 -7.04 -11.41 -0.31
CA ILE B 264 -7.89 -12.51 0.14
C ILE B 264 -8.90 -12.85 -0.96
N SER B 265 -9.36 -11.83 -1.67
CA SER B 265 -10.33 -12.05 -2.73
C SER B 265 -9.76 -12.92 -3.88
N ASP B 266 -8.46 -13.18 -3.86
CA ASP B 266 -7.81 -13.99 -4.90
C ASP B 266 -7.81 -15.48 -4.57
N TYR B 267 -8.05 -15.84 -3.31
CA TYR B 267 -8.08 -17.25 -2.91
C TYR B 267 -9.50 -17.78 -2.94
N LEU B 268 -9.72 -18.87 -3.66
CA LEU B 268 -11.07 -19.42 -3.76
C LEU B 268 -11.67 -19.68 -2.39
N ASN B 269 -10.97 -20.43 -1.55
CA ASN B 269 -11.52 -20.88 -0.27
C ASN B 269 -11.51 -19.84 0.86
N LEU B 270 -10.36 -19.20 1.06
CA LEU B 270 -10.24 -18.14 2.06
C LEU B 270 -11.30 -17.06 1.87
N TYR B 271 -11.52 -16.66 0.61
CA TYR B 271 -12.54 -15.67 0.32
C TYR B 271 -13.93 -16.20 0.64
N GLY B 272 -14.13 -17.49 0.39
CA GLY B 272 -15.41 -18.12 0.69
C GLY B 272 -15.62 -18.27 2.19
N PHE B 273 -14.56 -18.65 2.88
CA PHE B 273 -14.54 -18.70 4.34
C PHE B 273 -14.89 -17.32 4.90
N LEU B 274 -14.22 -16.29 4.37
CA LEU B 274 -14.47 -14.92 4.79
C LEU B 274 -15.94 -14.51 4.67
N ARG B 275 -16.56 -14.79 3.52
CA ARG B 275 -17.96 -14.40 3.31
C ARG B 275 -18.91 -15.27 4.14
N ASP B 276 -18.47 -16.50 4.39
CA ASP B 276 -19.27 -17.48 5.13
C ASP B 276 -19.56 -16.96 6.53
N ILE B 277 -18.52 -16.84 7.34
CA ILE B 277 -18.63 -16.27 8.67
C ILE B 277 -19.20 -14.85 8.67
N TYR B 278 -18.90 -14.08 7.61
CA TYR B 278 -19.41 -12.73 7.49
C TYR B 278 -20.93 -12.70 7.40
N GLN B 279 -21.50 -13.73 6.79
CA GLN B 279 -22.93 -13.73 6.54
C GLN B 279 -23.75 -14.44 7.61
N MET B 280 -23.07 -15.06 8.58
CA MET B 280 -23.77 -15.61 9.74
C MET B 280 -24.61 -14.52 10.39
N PRO B 281 -25.83 -14.86 10.82
CA PRO B 281 -26.71 -13.84 11.39
C PRO B 281 -26.04 -13.13 12.55
N GLY B 282 -26.08 -11.80 12.54
CA GLY B 282 -25.53 -11.01 13.62
C GLY B 282 -24.08 -10.60 13.48
N ILE B 283 -23.33 -11.26 12.60
CA ILE B 283 -21.89 -11.00 12.51
C ILE B 283 -21.57 -9.75 11.71
N ALA B 284 -22.30 -9.52 10.62
CA ALA B 284 -22.02 -8.34 9.78
C ALA B 284 -22.00 -7.05 10.59
N GLU B 285 -22.91 -6.95 11.56
CA GLU B 285 -23.06 -5.74 12.36
C GLU B 285 -21.86 -5.44 13.27
N THR B 286 -21.06 -6.47 13.56
CA THR B 286 -19.87 -6.27 14.38
C THR B 286 -18.70 -5.78 13.54
N VAL B 287 -18.93 -5.61 12.25
CA VAL B 287 -17.90 -5.22 11.30
C VAL B 287 -18.15 -3.78 10.90
N ASN B 288 -17.19 -2.92 11.23
CA ASN B 288 -17.30 -1.51 10.89
C ASN B 288 -16.02 -1.00 10.24
N PHE B 289 -16.06 -0.92 8.92
CA PHE B 289 -14.85 -0.64 8.15
C PHE B 289 -14.31 0.77 8.37
N ASP B 290 -15.20 1.75 8.54
CA ASP B 290 -14.76 3.10 8.90
C ASP B 290 -13.85 3.09 10.13
N HIS B 291 -14.28 2.44 11.22
CA HIS B 291 -13.43 2.36 12.40
C HIS B 291 -12.15 1.65 12.04
N ILE B 292 -12.27 0.53 11.33
CA ILE B 292 -11.11 -0.27 10.98
C ILE B 292 -10.08 0.54 10.20
N ARG B 293 -10.53 1.26 9.17
CA ARG B 293 -9.62 1.95 8.27
C ARG B 293 -9.10 3.26 8.86
N ASN B 294 -10.00 4.07 9.44
CA ASN B 294 -9.54 5.27 10.12
C ASN B 294 -8.49 4.94 11.18
N HIS B 295 -8.68 3.85 11.92
CA HIS B 295 -7.75 3.52 12.98
C HIS B 295 -6.36 3.23 12.44
N TYR B 296 -6.24 2.29 11.52
CA TYR B 296 -4.93 1.86 11.03
C TYR B 296 -4.16 2.94 10.25
N PHE B 297 -4.86 3.62 9.34
CA PHE B 297 -4.22 4.58 8.46
C PHE B 297 -3.89 5.87 9.19
N ARG B 298 -4.68 6.22 10.18
CA ARG B 298 -4.52 7.50 10.89
C ARG B 298 -3.76 7.42 12.21
N SER B 299 -3.68 6.22 12.80
CA SER B 299 -3.05 6.06 14.11
C SER B 299 -1.59 5.70 14.02
N HIS B 300 -1.17 5.22 12.85
CA HIS B 300 0.19 4.68 12.72
C HIS B 300 1.14 5.61 11.97
N LYS B 301 1.43 6.75 12.59
CA LYS B 301 2.27 7.79 12.00
C LYS B 301 3.66 7.29 11.59
N THR B 302 4.21 6.32 12.33
CA THR B 302 5.54 5.79 12.02
C THR B 302 5.63 5.11 10.65
N ILE B 303 4.51 4.69 10.10
CA ILE B 303 4.53 4.01 8.79
C ILE B 303 3.66 4.69 7.74
N ASN B 304 2.68 5.47 8.19
CA ASN B 304 1.84 6.23 7.28
C ASN B 304 1.72 7.69 7.75
N PRO B 305 2.85 8.42 7.71
CA PRO B 305 2.92 9.81 8.20
C PRO B 305 1.89 10.74 7.56
N THR B 306 1.55 10.49 6.30
CA THR B 306 0.60 11.36 5.60
C THR B 306 -0.81 11.30 6.19
N GLY B 307 -1.10 10.21 6.90
CA GLY B 307 -2.42 9.98 7.47
C GLY B 307 -3.51 9.71 6.43
N ILE B 308 -3.11 9.46 5.20
CA ILE B 308 -4.03 9.21 4.10
C ILE B 308 -4.65 7.81 4.15
N ILE B 309 -5.97 7.74 4.05
CA ILE B 309 -6.69 6.47 3.98
C ILE B 309 -6.89 6.03 2.52
N SER B 310 -6.19 4.97 2.11
CA SER B 310 -6.31 4.49 0.73
C SER B 310 -7.75 4.17 0.37
N ILE B 311 -8.09 4.29 -0.91
CA ILE B 311 -9.44 4.00 -1.37
C ILE B 311 -9.83 2.54 -1.11
N GLY B 312 -8.84 1.65 -1.05
CA GLY B 312 -9.09 0.28 -0.65
C GLY B 312 -9.48 -0.69 -1.75
N PRO B 313 -8.91 -1.91 -1.69
CA PRO B 313 -9.19 -2.95 -2.67
C PRO B 313 -10.66 -3.27 -2.74
N TRP B 314 -11.15 -3.47 -3.95
CA TRP B 314 -12.56 -3.74 -4.19
C TRP B 314 -12.96 -5.12 -3.69
N GLN B 315 -14.16 -5.23 -3.12
CA GLN B 315 -14.66 -6.51 -2.63
C GLN B 315 -16.17 -6.43 -2.38
N ASP B 316 -16.82 -7.59 -2.39
CA ASP B 316 -18.24 -7.67 -2.07
C ASP B 316 -18.49 -8.88 -1.18
N LEU B 317 -18.68 -8.64 0.11
CA LEU B 317 -18.76 -9.74 1.07
C LEU B 317 -20.17 -10.31 1.15
N ASP B 318 -21.08 -9.68 0.43
CA ASP B 318 -22.47 -10.13 0.42
C ASP B 318 -22.77 -11.21 -0.62
N GLU B 319 -21.80 -11.50 -1.48
CA GLU B 319 -21.98 -12.54 -2.49
C GLU B 319 -22.11 -13.91 -1.85
N PRO B 320 -23.19 -14.64 -2.19
CA PRO B 320 -23.42 -16.01 -1.72
C PRO B 320 -22.19 -16.88 -1.91
N HIS B 321 -21.85 -17.71 -0.93
CA HIS B 321 -20.56 -18.42 -0.90
C HIS B 321 -20.66 -19.92 -1.20
N GLY B 322 -21.81 -20.50 -0.89
CA GLY B 322 -22.08 -21.91 -1.12
C GLY B 322 -21.20 -22.94 -0.42
N ARG B 323 -20.47 -22.52 0.60
CA ARG B 323 -19.65 -23.48 1.33
C ARG B 323 -20.48 -24.35 2.28
N ASP B 324 -21.72 -23.92 2.53
CA ASP B 324 -22.67 -24.70 3.31
C ASP B 324 -23.18 -25.89 2.48
N VAL B 325 -23.24 -25.66 1.18
CA VAL B 325 -23.63 -26.68 0.21
C VAL B 325 -22.43 -27.55 -0.15
N ARG B 326 -21.34 -26.90 -0.55
CA ARG B 326 -20.15 -27.61 -1.01
C ARG B 326 -19.72 -28.72 -0.07
N PHE B 327 -19.90 -28.49 1.23
CA PHE B 327 -19.35 -29.41 2.22
C PHE B 327 -20.43 -30.20 2.99
N GLY B 328 -20.07 -31.41 3.41
CA GLY B 328 -18.73 -31.95 3.20
C GLY B 328 -18.52 -32.62 1.86
N1 GSH C . 9.29 17.33 -17.73
CA1 GSH C . 9.85 16.01 -17.58
C1 GSH C . 9.53 15.19 -18.80
O11 GSH C . 8.34 14.92 -19.09
O12 GSH C . 10.45 14.76 -19.53
CB1 GSH C . 9.26 15.34 -16.34
CG1 GSH C . 10.01 14.06 -16.01
CD1 GSH C . 10.24 13.99 -14.51
OE1 GSH C . 9.69 14.96 -13.66
N2 GSH C . 10.96 12.97 -14.07
CA2 GSH C . 11.19 12.75 -12.66
C2 GSH C . 12.38 13.51 -12.16
O2 GSH C . 13.61 13.46 -12.86
CB2 GSH C . 11.39 11.27 -12.38
SG2 GSH C . 9.84 10.43 -11.95
N3 GSH C . 12.21 14.22 -11.06
CA3 GSH C . 13.34 14.64 -10.24
C3 GSH C . 12.98 15.81 -9.35
O31 GSH C . 11.89 16.40 -9.50
O32 GSH C . 13.77 16.20 -8.46
S SO4 D . 21.53 -0.86 -26.03
O1 SO4 D . 20.13 -1.06 -26.40
O2 SO4 D . 21.98 -2.02 -25.26
O3 SO4 D . 22.35 -0.72 -27.24
O4 SO4 D . 21.69 0.34 -25.24
S SO4 E . -14.64 0.79 -10.98
O1 SO4 E . -14.91 0.05 -9.74
O2 SO4 E . -13.93 2.03 -10.64
O3 SO4 E . -13.84 -0.04 -11.88
O4 SO4 E . -15.89 1.14 -11.63
S SO4 F . -12.50 -4.71 -12.99
O1 SO4 F . -12.54 -5.48 -11.75
O2 SO4 F . -13.16 -3.40 -12.82
O3 SO4 F . -11.09 -4.48 -13.36
O4 SO4 F . -13.14 -5.46 -14.07
S SO4 G . 3.81 -9.63 -29.46
O1 SO4 G . 3.40 -8.56 -28.55
O2 SO4 G . 4.07 -10.85 -28.70
O3 SO4 G . 2.75 -9.89 -30.46
O4 SO4 G . 5.03 -9.21 -30.16
S SO4 H . 9.56 13.12 -7.92
O1 SO4 H . 8.22 13.33 -7.37
O2 SO4 H . 10.19 11.95 -7.30
O3 SO4 H . 9.48 12.89 -9.37
O4 SO4 H . 10.35 14.32 -7.66
S SO4 I . 26.06 -3.77 -13.80
O1 SO4 I . 24.69 -4.24 -13.61
O2 SO4 I . 26.91 -4.42 -12.81
O3 SO4 I . 26.49 -4.12 -15.15
O4 SO4 I . 26.12 -2.32 -13.62
S SO4 J . 2.38 -9.07 -33.99
O1 SO4 J . 2.75 -8.10 -32.95
O2 SO4 J . 3.56 -9.34 -34.81
O3 SO4 J . 1.92 -10.32 -33.36
O4 SO4 J . 1.34 -8.50 -34.86
S SO4 K . 14.73 -6.86 -12.66
O1 SO4 K . 14.78 -5.99 -11.49
O2 SO4 K . 16.06 -6.87 -13.30
O3 SO4 K . 14.36 -8.22 -12.22
O4 SO4 K . 13.71 -6.37 -13.62
O1 MES L . -0.10 16.73 -23.36
C2 MES L . -0.46 16.89 -21.99
C3 MES L . 0.65 16.43 -21.05
N4 MES L . 1.88 17.09 -21.45
C5 MES L . 2.25 17.12 -22.86
C6 MES L . 1.23 16.23 -23.56
C7 MES L . 2.84 17.52 -20.43
C8 MES L . 4.20 17.00 -20.87
S MES L . 4.58 15.47 -20.30
O1S MES L . 4.78 15.52 -18.83
O2S MES L . 3.52 14.48 -20.65
O3S MES L . 5.85 15.04 -20.93
N1 GSH M . -2.99 -9.94 23.93
CA1 GSH M . -4.08 -8.99 24.10
C1 GSH M . -5.29 -9.48 23.36
O11 GSH M . -5.26 -10.55 22.71
O12 GSH M . -6.35 -8.82 23.40
CB1 GSH M . -3.66 -7.63 23.55
CG1 GSH M . -4.72 -7.08 22.61
CD1 GSH M . -4.10 -6.03 21.71
OE1 GSH M . -2.86 -6.25 21.10
N2 GSH M . -4.79 -4.91 21.56
CA2 GSH M . -4.29 -3.82 20.74
C2 GSH M . -4.12 -2.56 21.55
O2 GSH M . -5.19 -2.04 22.31
CB2 GSH M . -5.24 -3.54 19.58
SG2 GSH M . -4.40 -3.59 17.98
N3 GSH M . -2.92 -1.98 21.50
CA3 GSH M . -2.70 -0.65 22.03
C3 GSH M . -1.30 -0.49 22.56
O31 GSH M . -0.50 -1.45 22.55
O32 GSH M . -0.92 0.62 23.01
S SO4 N . -26.19 -5.24 20.72
O1 SO4 N . -27.39 -5.72 20.03
O2 SO4 N . -26.05 -3.80 20.57
O3 SO4 N . -26.31 -5.53 22.15
O4 SO4 N . -25.03 -5.94 20.17
S SO4 O . 2.13 -18.03 -3.22
O1 SO4 O . 2.63 -19.36 -3.58
O2 SO4 O . 0.70 -18.12 -2.94
O3 SO4 O . 2.83 -17.56 -2.02
O4 SO4 O . 2.36 -17.11 -4.34
S SO4 P . -23.94 7.29 16.67
O1 SO4 P . -23.59 8.14 15.52
O2 SO4 P . -24.92 7.98 17.50
O3 SO4 P . -24.52 6.03 16.19
O4 SO4 P . -22.74 7.00 17.46
S SO4 Q . -18.98 0.42 7.11
O1 SO4 Q . -18.27 1.48 7.84
O2 SO4 Q . -20.41 0.60 7.29
O3 SO4 Q . -18.65 0.52 5.68
O4 SO4 Q . -18.58 -0.90 7.62
S SO4 R . -0.76 -1.38 18.07
O1 SO4 R . -1.47 -2.55 18.58
O2 SO4 R . 0.53 -1.80 17.53
O3 SO4 R . -1.56 -0.71 17.03
O4 SO4 R . -0.53 -0.44 19.17
S SO4 S . -3.58 -17.77 -5.44
O1 SO4 S . -2.36 -18.35 -4.89
O2 SO4 S . -4.55 -18.82 -5.74
O3 SO4 S . -4.17 -16.86 -4.46
O4 SO4 S . -3.27 -17.02 -6.66
#